data_1TUT
# 
_entry.id   1TUT 
# 
_audit_conform.dict_name       mmcif_pdbx.dic 
_audit_conform.dict_version    5.392 
_audit_conform.dict_location   http://mmcif.pdb.org/dictionaries/ascii/mmcif_pdbx.dic 
# 
loop_
_database_2.database_id 
_database_2.database_code 
_database_2.pdbx_database_accession 
_database_2.pdbx_DOI 
PDB   1TUT         pdb_00001tut 10.2210/pdb1tut/pdb 
RCSB  RCSB022919   ?            ?                   
WWPDB D_1000022919 ?            ?                   
# 
loop_
_pdbx_audit_revision_history.ordinal 
_pdbx_audit_revision_history.data_content_type 
_pdbx_audit_revision_history.major_revision 
_pdbx_audit_revision_history.minor_revision 
_pdbx_audit_revision_history.revision_date 
1 'Structure model' 1 0 2004-12-28 
2 'Structure model' 1 1 2008-04-30 
3 'Structure model' 1 2 2011-07-13 
4 'Structure model' 1 3 2022-03-02 
5 'Structure model' 1 4 2024-05-22 
# 
_pdbx_audit_revision_details.ordinal             1 
_pdbx_audit_revision_details.revision_ordinal    1 
_pdbx_audit_revision_details.data_content_type   'Structure model' 
_pdbx_audit_revision_details.provider            repository 
_pdbx_audit_revision_details.type                'Initial release' 
_pdbx_audit_revision_details.description         ? 
_pdbx_audit_revision_details.details             ? 
# 
loop_
_pdbx_audit_revision_group.ordinal 
_pdbx_audit_revision_group.revision_ordinal 
_pdbx_audit_revision_group.data_content_type 
_pdbx_audit_revision_group.group 
1 2 'Structure model' 'Version format compliance' 
2 3 'Structure model' 'Version format compliance' 
3 4 'Structure model' 'Data collection'           
4 4 'Structure model' 'Database references'       
5 4 'Structure model' 'Derived calculations'      
6 5 'Structure model' 'Data collection'           
# 
loop_
_pdbx_audit_revision_category.ordinal 
_pdbx_audit_revision_category.revision_ordinal 
_pdbx_audit_revision_category.data_content_type 
_pdbx_audit_revision_category.category 
1 4 'Structure model' database_2            
2 4 'Structure model' pdbx_nmr_software     
3 4 'Structure model' pdbx_struct_assembly  
4 4 'Structure model' pdbx_struct_oper_list 
5 5 'Structure model' chem_comp_atom        
6 5 'Structure model' chem_comp_bond        
# 
loop_
_pdbx_audit_revision_item.ordinal 
_pdbx_audit_revision_item.revision_ordinal 
_pdbx_audit_revision_item.data_content_type 
_pdbx_audit_revision_item.item 
1 4 'Structure model' '_database_2.pdbx_DOI'                
2 4 'Structure model' '_database_2.pdbx_database_accession' 
3 4 'Structure model' '_pdbx_nmr_software.name'             
# 
_pdbx_database_status.status_code                     REL 
_pdbx_database_status.entry_id                        1TUT 
_pdbx_database_status.recvd_initial_deposition_date   2004-06-25 
_pdbx_database_status.deposit_site                    RCSB 
_pdbx_database_status.process_site                    RCSB 
_pdbx_database_status.status_code_sf                  ? 
_pdbx_database_status.status_code_mr                  REL 
_pdbx_database_status.SG_entry                        ? 
_pdbx_database_status.pdb_format_compatible           Y 
_pdbx_database_status.status_code_cs                  ? 
_pdbx_database_status.status_code_nmr_data            ? 
_pdbx_database_status.methods_development_category    ? 
# 
loop_
_audit_author.name 
_audit_author.pdbx_ordinal 
'Znosko, B.M.'  1 
'Kennedy, S.D.' 2 
'Wille, P.C.'   3 
'Krugh, T.R.'   4 
'Turner, D.H.'  5 
# 
_citation.id                        primary 
_citation.title                     
'Structural Features and Thermodynamics of the J4/5 Loop from the Candida albicans and Candida dubliniensis Group I Introns.' 
_citation.journal_abbrev            Biochemistry 
_citation.journal_volume            43 
_citation.page_first                15822 
_citation.page_last                 15837 
_citation.year                      2004 
_citation.journal_id_ASTM           BICHAW 
_citation.country                   US 
_citation.journal_id_ISSN           0006-2960 
_citation.journal_id_CSD            0033 
_citation.book_publisher            ? 
_citation.pdbx_database_id_PubMed   15595837 
_citation.pdbx_database_id_DOI      10.1021/bi049256y 
# 
loop_
_citation_author.citation_id 
_citation_author.name 
_citation_author.ordinal 
_citation_author.identifier_ORCID 
primary 'Znosko, B.M.'  1 ? 
primary 'Kennedy, S.D.' 2 ? 
primary 'Wille, P.C.'   3 ? 
primary 'Krugh, T.R.'   4 ? 
primary 'Turner, D.H.'  5 ? 
# 
loop_
_entity.id 
_entity.type 
_entity.src_method 
_entity.pdbx_description 
_entity.formula_weight 
_entity.pdbx_number_of_molecules 
_entity.pdbx_ec 
_entity.pdbx_mutation 
_entity.pdbx_fragment 
_entity.details 
1 polymer syn "5'-R(*GP*AP*GP*GP*AP*AP*GP*GP*CP*GP*A)-3'" 3648.282 1 ? ? ? ? 
2 polymer syn "5'-R(*UP*CP*GP*UP*UP*AP*AP*UP*CP*UP*C)-3'" 3405.034 1 ? ? ? ? 
# 
loop_
_entity_poly.entity_id 
_entity_poly.type 
_entity_poly.nstd_linkage 
_entity_poly.nstd_monomer 
_entity_poly.pdbx_seq_one_letter_code 
_entity_poly.pdbx_seq_one_letter_code_can 
_entity_poly.pdbx_strand_id 
_entity_poly.pdbx_target_identifier 
1 polyribonucleotide no no GAGGAAGGCGA GAGGAAGGCGA A ? 
2 polyribonucleotide no no UCGUUAAUCUC UCGUUAAUCUC B ? 
# 
loop_
_entity_poly_seq.entity_id 
_entity_poly_seq.num 
_entity_poly_seq.mon_id 
_entity_poly_seq.hetero 
1 1  G n 
1 2  A n 
1 3  G n 
1 4  G n 
1 5  A n 
1 6  A n 
1 7  G n 
1 8  G n 
1 9  C n 
1 10 G n 
1 11 A n 
2 1  U n 
2 2  C n 
2 3  G n 
2 4  U n 
2 5  U n 
2 6  A n 
2 7  A n 
2 8  U n 
2 9  C n 
2 10 U n 
2 11 C n 
# 
loop_
_chem_comp.id 
_chem_comp.type 
_chem_comp.mon_nstd_flag 
_chem_comp.name 
_chem_comp.pdbx_synonyms 
_chem_comp.formula 
_chem_comp.formula_weight 
A 'RNA linking' y "ADENOSINE-5'-MONOPHOSPHATE" ? 'C10 H14 N5 O7 P' 347.221 
C 'RNA linking' y "CYTIDINE-5'-MONOPHOSPHATE"  ? 'C9 H14 N3 O8 P'  323.197 
G 'RNA linking' y "GUANOSINE-5'-MONOPHOSPHATE" ? 'C10 H14 N5 O8 P' 363.221 
U 'RNA linking' y "URIDINE-5'-MONOPHOSPHATE"   ? 'C9 H13 N2 O9 P'  324.181 
# 
loop_
_pdbx_poly_seq_scheme.asym_id 
_pdbx_poly_seq_scheme.entity_id 
_pdbx_poly_seq_scheme.seq_id 
_pdbx_poly_seq_scheme.mon_id 
_pdbx_poly_seq_scheme.ndb_seq_num 
_pdbx_poly_seq_scheme.pdb_seq_num 
_pdbx_poly_seq_scheme.auth_seq_num 
_pdbx_poly_seq_scheme.pdb_mon_id 
_pdbx_poly_seq_scheme.auth_mon_id 
_pdbx_poly_seq_scheme.pdb_strand_id 
_pdbx_poly_seq_scheme.pdb_ins_code 
_pdbx_poly_seq_scheme.hetero 
A 1 1  G 1  1  1  G G A . n 
A 1 2  A 2  2  2  A A A . n 
A 1 3  G 3  3  3  G G A . n 
A 1 4  G 4  4  4  G G A . n 
A 1 5  A 5  5  5  A A A . n 
A 1 6  A 6  6  6  A A A . n 
A 1 7  G 7  7  7  G G A . n 
A 1 8  G 8  8  8  G G A . n 
A 1 9  C 9  9  9  C C A . n 
A 1 10 G 10 10 10 G G A . n 
A 1 11 A 11 11 11 A A A . n 
B 2 1  U 1  11 11 U U B B n 
B 2 2  C 2  12 12 C C B . n 
B 2 3  G 3  13 13 G G B . n 
B 2 4  U 4  14 14 U U B . n 
B 2 5  U 5  15 15 U U B . n 
B 2 6  A 6  16 16 A A B . n 
B 2 7  A 7  17 17 A A B . n 
B 2 8  U 8  18 18 U U B . n 
B 2 9  C 9  19 19 C C B . n 
B 2 10 U 10 20 20 U U B . n 
B 2 11 C 11 21 21 C C B . n 
# 
_cell.entry_id           1TUT 
_cell.length_a           1.000 
_cell.length_b           1.000 
_cell.length_c           1.000 
_cell.angle_alpha        90.00 
_cell.angle_beta         90.00 
_cell.angle_gamma        90.00 
_cell.Z_PDB              1 
_cell.pdbx_unique_axis   ? 
# 
_symmetry.entry_id                         1TUT 
_symmetry.space_group_name_H-M             'P 1' 
_symmetry.pdbx_full_space_group_name_H-M   ? 
_symmetry.cell_setting                     ? 
_symmetry.Int_Tables_number                1 
# 
_exptl.entry_id          1TUT 
_exptl.method            'SOLUTION NMR' 
_exptl.crystals_number   ? 
# 
_exptl_crystal.id                    1 
_exptl_crystal.density_meas          ? 
_exptl_crystal.density_Matthews      ? 
_exptl_crystal.density_percent_sol   ? 
_exptl_crystal.description           ? 
_exptl_crystal.F_000                 ? 
_exptl_crystal.preparation           ? 
# 
_diffrn.id                     1 
_diffrn.ambient_temp           ? 
_diffrn.ambient_temp_details   ? 
_diffrn.crystal_id             1 
# 
_diffrn_radiation.diffrn_id                        1 
_diffrn_radiation.wavelength_id                    1 
_diffrn_radiation.pdbx_monochromatic_or_laue_m_l   M 
_diffrn_radiation.monochromator                    ? 
_diffrn_radiation.pdbx_diffrn_protocol             'SINGLE WAVELENGTH' 
_diffrn_radiation.pdbx_scattering_type             ? 
# 
_diffrn_radiation_wavelength.id           1 
_diffrn_radiation_wavelength.wavelength   . 
_diffrn_radiation_wavelength.wt           1.0 
# 
_struct.entry_id                  1TUT 
_struct.title                     'J4/5 Loop from the Candida albicans and Candida dubliniensis Group I Introns' 
_struct.pdbx_model_details        ? 
_struct.pdbx_CASP_flag            ? 
_struct.pdbx_model_type_details   ? 
# 
_struct_keywords.entry_id        1TUT 
_struct_keywords.pdbx_keywords   RNA 
_struct_keywords.text            'RNA, internal loop, tandem mismatch, GU pairs, AA pairs' 
# 
loop_
_struct_asym.id 
_struct_asym.pdbx_blank_PDB_chainid_flag 
_struct_asym.pdbx_modified 
_struct_asym.entity_id 
_struct_asym.details 
A N N 1 ? 
B N N 2 ? 
# 
loop_
_struct_ref.id 
_struct_ref.entity_id 
_struct_ref.db_name 
_struct_ref.db_code 
_struct_ref.pdbx_db_accession 
_struct_ref.pdbx_db_isoform 
_struct_ref.pdbx_seq_one_letter_code 
_struct_ref.pdbx_align_begin 
1 1 PDB 1TUT 1TUT ? ? ? 
2 2 PDB 1TUT 1TUT ? ? ? 
# 
loop_
_struct_ref_seq.align_id 
_struct_ref_seq.ref_id 
_struct_ref_seq.pdbx_PDB_id_code 
_struct_ref_seq.pdbx_strand_id 
_struct_ref_seq.seq_align_beg 
_struct_ref_seq.pdbx_seq_align_beg_ins_code 
_struct_ref_seq.seq_align_end 
_struct_ref_seq.pdbx_seq_align_end_ins_code 
_struct_ref_seq.pdbx_db_accession 
_struct_ref_seq.db_align_beg 
_struct_ref_seq.pdbx_db_align_beg_ins_code 
_struct_ref_seq.db_align_end 
_struct_ref_seq.pdbx_db_align_end_ins_code 
_struct_ref_seq.pdbx_auth_seq_align_beg 
_struct_ref_seq.pdbx_auth_seq_align_end 
1 1 1TUT A 1 ? 11 ? 1TUT 1  ? 11 ? 1  11 
2 2 1TUT B 1 B 11 ? 1TUT 11 ? 21 ? 11 21 
# 
_pdbx_struct_assembly.id                   1 
_pdbx_struct_assembly.details              author_defined_assembly 
_pdbx_struct_assembly.method_details       ? 
_pdbx_struct_assembly.oligomeric_details   dimeric 
_pdbx_struct_assembly.oligomeric_count     2 
# 
_pdbx_struct_assembly_gen.assembly_id       1 
_pdbx_struct_assembly_gen.oper_expression   1 
_pdbx_struct_assembly_gen.asym_id_list      A,B 
# 
_pdbx_struct_oper_list.id                   1 
_pdbx_struct_oper_list.type                 'identity operation' 
_pdbx_struct_oper_list.name                 1_555 
_pdbx_struct_oper_list.symmetry_operation   x,y,z 
_pdbx_struct_oper_list.matrix[1][1]         1.0000000000 
_pdbx_struct_oper_list.matrix[1][2]         0.0000000000 
_pdbx_struct_oper_list.matrix[1][3]         0.0000000000 
_pdbx_struct_oper_list.vector[1]            0.0000000000 
_pdbx_struct_oper_list.matrix[2][1]         0.0000000000 
_pdbx_struct_oper_list.matrix[2][2]         1.0000000000 
_pdbx_struct_oper_list.matrix[2][3]         0.0000000000 
_pdbx_struct_oper_list.vector[2]            0.0000000000 
_pdbx_struct_oper_list.matrix[3][1]         0.0000000000 
_pdbx_struct_oper_list.matrix[3][2]         0.0000000000 
_pdbx_struct_oper_list.matrix[3][3]         1.0000000000 
_pdbx_struct_oper_list.vector[3]            0.0000000000 
# 
_struct_biol.id   1 
# 
loop_
_struct_conn.id 
_struct_conn.conn_type_id 
_struct_conn.pdbx_leaving_atom_flag 
_struct_conn.pdbx_PDB_id 
_struct_conn.ptnr1_label_asym_id 
_struct_conn.ptnr1_label_comp_id 
_struct_conn.ptnr1_label_seq_id 
_struct_conn.ptnr1_label_atom_id 
_struct_conn.pdbx_ptnr1_label_alt_id 
_struct_conn.pdbx_ptnr1_PDB_ins_code 
_struct_conn.pdbx_ptnr1_standard_comp_id 
_struct_conn.ptnr1_symmetry 
_struct_conn.ptnr2_label_asym_id 
_struct_conn.ptnr2_label_comp_id 
_struct_conn.ptnr2_label_seq_id 
_struct_conn.ptnr2_label_atom_id 
_struct_conn.pdbx_ptnr2_label_alt_id 
_struct_conn.pdbx_ptnr2_PDB_ins_code 
_struct_conn.ptnr1_auth_asym_id 
_struct_conn.ptnr1_auth_comp_id 
_struct_conn.ptnr1_auth_seq_id 
_struct_conn.ptnr2_auth_asym_id 
_struct_conn.ptnr2_auth_comp_id 
_struct_conn.ptnr2_auth_seq_id 
_struct_conn.ptnr2_symmetry 
_struct_conn.pdbx_ptnr3_label_atom_id 
_struct_conn.pdbx_ptnr3_label_seq_id 
_struct_conn.pdbx_ptnr3_label_comp_id 
_struct_conn.pdbx_ptnr3_label_asym_id 
_struct_conn.pdbx_ptnr3_label_alt_id 
_struct_conn.pdbx_ptnr3_PDB_ins_code 
_struct_conn.details 
_struct_conn.pdbx_dist_value 
_struct_conn.pdbx_value_order 
_struct_conn.pdbx_role 
hydrog1  hydrog ? ? A G 1  N1 ? ? ? 1_555 B C 11 N3 ? ? A G 1  B C 21 1_555 ? ? ? ? ? ? WATSON-CRICK  ? ? ? 
hydrog2  hydrog ? ? A G 1  N2 ? ? ? 1_555 B C 11 O2 ? ? A G 1  B C 21 1_555 ? ? ? ? ? ? WATSON-CRICK  ? ? ? 
hydrog3  hydrog ? ? A G 1  O6 ? ? ? 1_555 B C 11 N4 ? ? A G 1  B C 21 1_555 ? ? ? ? ? ? WATSON-CRICK  ? ? ? 
hydrog4  hydrog ? ? A A 2  N1 ? ? ? 1_555 B U 10 N3 ? ? A A 2  B U 20 1_555 ? ? ? ? ? ? WATSON-CRICK  ? ? ? 
hydrog5  hydrog ? ? A A 2  N6 ? ? ? 1_555 B U 10 O4 ? ? A A 2  B U 20 1_555 ? ? ? ? ? ? WATSON-CRICK  ? ? ? 
hydrog6  hydrog ? ? A G 3  N1 ? ? ? 1_555 B C 9  N3 ? ? A G 3  B C 19 1_555 ? ? ? ? ? ? WATSON-CRICK  ? ? ? 
hydrog7  hydrog ? ? A G 3  N2 ? ? ? 1_555 B C 9  O2 ? ? A G 3  B C 19 1_555 ? ? ? ? ? ? WATSON-CRICK  ? ? ? 
hydrog8  hydrog ? ? A G 3  O6 ? ? ? 1_555 B C 9  N4 ? ? A G 3  B C 19 1_555 ? ? ? ? ? ? WATSON-CRICK  ? ? ? 
hydrog9  hydrog ? ? A G 4  N1 ? ? ? 1_555 B U 8  O2 ? ? A G 4  B U 18 1_555 ? ? ? ? ? ? TYPE_28_PAIR  ? ? ? 
hydrog10 hydrog ? ? A G 4  O6 ? ? ? 1_555 B U 8  N3 ? ? A G 4  B U 18 1_555 ? ? ? ? ? ? TYPE_28_PAIR  ? ? ? 
hydrog11 hydrog ? ? A A 5  N3 ? ? ? 1_555 B A 7  N6 ? ? A A 5  B A 17 1_555 ? ? ? ? ? ? 'A-A MISPAIR' ? ? ? 
hydrog12 hydrog ? ? A A 6  N6 ? ? ? 1_555 B A 6  N3 ? ? A A 6  B A 16 1_555 ? ? ? ? ? ? 'A-A MISPAIR' ? ? ? 
hydrog13 hydrog ? ? A G 7  N1 ? ? ? 1_555 B U 5  O2 ? ? A G 7  B U 15 1_555 ? ? ? ? ? ? TYPE_28_PAIR  ? ? ? 
hydrog14 hydrog ? ? A G 7  O6 ? ? ? 1_555 B U 5  N3 ? ? A G 7  B U 15 1_555 ? ? ? ? ? ? TYPE_28_PAIR  ? ? ? 
hydrog15 hydrog ? ? A G 8  N1 ? ? ? 1_555 B U 4  O2 ? ? A G 8  B U 14 1_555 ? ? ? ? ? ? TYPE_28_PAIR  ? ? ? 
hydrog16 hydrog ? ? A G 8  O6 ? ? ? 1_555 B U 4  N3 ? ? A G 8  B U 14 1_555 ? ? ? ? ? ? TYPE_28_PAIR  ? ? ? 
hydrog17 hydrog ? ? A C 9  N3 ? ? ? 1_555 B G 3  N1 ? ? A C 9  B G 13 1_555 ? ? ? ? ? ? WATSON-CRICK  ? ? ? 
hydrog18 hydrog ? ? A C 9  N4 ? ? ? 1_555 B G 3  O6 ? ? A C 9  B G 13 1_555 ? ? ? ? ? ? WATSON-CRICK  ? ? ? 
hydrog19 hydrog ? ? A C 9  O2 ? ? ? 1_555 B G 3  N2 ? ? A C 9  B G 13 1_555 ? ? ? ? ? ? WATSON-CRICK  ? ? ? 
hydrog20 hydrog ? ? A G 10 N1 ? ? ? 1_555 B C 2  N3 ? ? A G 10 B C 12 1_555 ? ? ? ? ? ? WATSON-CRICK  ? ? ? 
hydrog21 hydrog ? ? A G 10 N2 ? ? ? 1_555 B C 2  O2 ? ? A G 10 B C 12 1_555 ? ? ? ? ? ? WATSON-CRICK  ? ? ? 
hydrog22 hydrog ? ? A G 10 O6 ? ? ? 1_555 B C 2  N4 ? ? A G 10 B C 12 1_555 ? ? ? ? ? ? WATSON-CRICK  ? ? ? 
hydrog23 hydrog ? ? A A 11 N1 ? ? ? 1_555 B U 1  N3 ? B A A 11 B U 11 1_555 ? ? ? ? ? ? WATSON-CRICK  ? ? ? 
hydrog24 hydrog ? ? A A 11 N6 ? ? ? 1_555 B U 1  O4 ? B A A 11 B U 11 1_555 ? ? ? ? ? ? WATSON-CRICK  ? ? ? 
# 
_struct_conn_type.id          hydrog 
_struct_conn_type.criteria    ? 
_struct_conn_type.reference   ? 
# 
loop_
_pdbx_validate_rmsd_angle.id 
_pdbx_validate_rmsd_angle.PDB_model_num 
_pdbx_validate_rmsd_angle.auth_atom_id_1 
_pdbx_validate_rmsd_angle.auth_asym_id_1 
_pdbx_validate_rmsd_angle.auth_comp_id_1 
_pdbx_validate_rmsd_angle.auth_seq_id_1 
_pdbx_validate_rmsd_angle.PDB_ins_code_1 
_pdbx_validate_rmsd_angle.label_alt_id_1 
_pdbx_validate_rmsd_angle.auth_atom_id_2 
_pdbx_validate_rmsd_angle.auth_asym_id_2 
_pdbx_validate_rmsd_angle.auth_comp_id_2 
_pdbx_validate_rmsd_angle.auth_seq_id_2 
_pdbx_validate_rmsd_angle.PDB_ins_code_2 
_pdbx_validate_rmsd_angle.label_alt_id_2 
_pdbx_validate_rmsd_angle.auth_atom_id_3 
_pdbx_validate_rmsd_angle.auth_asym_id_3 
_pdbx_validate_rmsd_angle.auth_comp_id_3 
_pdbx_validate_rmsd_angle.auth_seq_id_3 
_pdbx_validate_rmsd_angle.PDB_ins_code_3 
_pdbx_validate_rmsd_angle.label_alt_id_3 
_pdbx_validate_rmsd_angle.angle_value 
_pdbx_validate_rmsd_angle.angle_target_value 
_pdbx_validate_rmsd_angle.angle_deviation 
_pdbx_validate_rmsd_angle.angle_standard_deviation 
_pdbx_validate_rmsd_angle.linker_flag 
1 1 "O4'" A C 9  ? ? "C1'" A C 9  ? ? N1 A C 9  ? ? 113.06 108.50 4.56 0.70 N 
2 1 "O4'" B C 12 ? ? "C1'" B C 12 ? ? N1 B C 12 ? ? 112.96 108.50 4.46 0.70 N 
3 1 "O4'" B G 13 ? ? "C1'" B G 13 ? ? N9 B G 13 ? ? 112.74 108.50 4.24 0.70 N 
4 1 "O4'" B U 14 ? ? "C1'" B U 14 ? ? N1 B U 14 ? ? 113.80 108.50 5.30 0.70 N 
5 1 "O4'" B U 15 ? ? "C1'" B U 15 ? ? N1 B U 15 ? ? 114.06 108.50 5.56 0.70 N 
6 1 "O4'" B C 19 ? ? "C1'" B C 19 ? ? N1 B C 19 ? ? 113.01 108.50 4.51 0.70 N 
7 1 "O4'" B U 20 ? ? "C1'" B U 20 ? ? N1 B U 20 ? ? 112.81 108.50 4.31 0.70 N 
# 
loop_
_pdbx_validate_planes.id 
_pdbx_validate_planes.PDB_model_num 
_pdbx_validate_planes.auth_comp_id 
_pdbx_validate_planes.auth_asym_id 
_pdbx_validate_planes.auth_seq_id 
_pdbx_validate_planes.PDB_ins_code 
_pdbx_validate_planes.label_alt_id 
_pdbx_validate_planes.rmsd 
_pdbx_validate_planes.type 
1 1 A A 6  ? ? 0.073 'SIDE CHAIN' 
2 1 G A 10 ? ? 0.082 'SIDE CHAIN' 
3 1 U B 11 B ? 0.087 'SIDE CHAIN' 
4 1 A B 16 ? ? 0.065 'SIDE CHAIN' 
5 1 A B 17 ? ? 0.060 'SIDE CHAIN' 
6 1 U B 18 ? ? 0.080 'SIDE CHAIN' 
7 1 C B 19 ? ? 0.075 'SIDE CHAIN' 
8 1 U B 20 ? ? 0.074 'SIDE CHAIN' 
# 
_pdbx_nmr_ensemble.entry_id                                      1TUT 
_pdbx_nmr_ensemble.conformers_calculated_total_number            50 
_pdbx_nmr_ensemble.conformers_submitted_total_number             1 
_pdbx_nmr_ensemble.conformer_selection_criteria                  'closest to average' 
_pdbx_nmr_ensemble.average_constraints_per_residue               ? 
_pdbx_nmr_ensemble.average_constraint_violations_per_residue     ? 
_pdbx_nmr_ensemble.maximum_distance_constraint_violation         ? 
_pdbx_nmr_ensemble.average_distance_constraint_violation         ? 
_pdbx_nmr_ensemble.maximum_upper_distance_constraint_violation   ? 
_pdbx_nmr_ensemble.maximum_lower_distance_constraint_violation   ? 
_pdbx_nmr_ensemble.distance_constraint_violation_method          ? 
_pdbx_nmr_ensemble.maximum_torsion_angle_constraint_violation    ? 
_pdbx_nmr_ensemble.average_torsion_angle_constraint_violation    ? 
_pdbx_nmr_ensemble.torsion_angle_constraint_violation_method     ? 
# 
_pdbx_nmr_representative.entry_id             1TUT 
_pdbx_nmr_representative.conformer_id         1 
_pdbx_nmr_representative.selection_criteria   'closest to the average' 
# 
loop_
_pdbx_nmr_sample_details.solution_id 
_pdbx_nmr_sample_details.contents 
_pdbx_nmr_sample_details.solvent_system 
1 '~~2 mM RNA, 80 mM NaCl, 3 mM KH2PO4, 7 mM K2HPO4, 0.5 mM Na2EDTA, 3 mM cobalt hexamine, pH=6.1, 90% H2O, 10% D2O' 
'90% H2O/10% D2O' 
2 '~~2 mM RNA, 80 mM NaCl, 3 mM KH2PO4, 7 mM K2HPO4, 0.5 mM Na2EDTA, 3 mM cobalt hexamine, pH=6.1, 100% D2O'         '100% D2O' 
# 
loop_
_pdbx_nmr_exptl_sample_conditions.conditions_id 
_pdbx_nmr_exptl_sample_conditions.temperature 
_pdbx_nmr_exptl_sample_conditions.pressure 
_pdbx_nmr_exptl_sample_conditions.pH 
_pdbx_nmr_exptl_sample_conditions.ionic_strength 
_pdbx_nmr_exptl_sample_conditions.pressure_units 
_pdbx_nmr_exptl_sample_conditions.temperature_units 
1 298 ambient 6.1 '80 mM NaCl, 3 mM cobalt hexamine' ? K 
2 298 ambient 6.1 '80 mM NaCl, 3 mM cobalt hexamine' ? K 
# 
loop_
_pdbx_nmr_exptl.experiment_id 
_pdbx_nmr_exptl.solution_id 
_pdbx_nmr_exptl.conditions_id 
_pdbx_nmr_exptl.type 
1 1 1 '2D NOESY' 
2 2 2 '2D NOESY' 
# 
_pdbx_nmr_refine.entry_id           1TUT 
_pdbx_nmr_refine.method             'molecular dynamics' 
_pdbx_nmr_refine.details            
;The structures are based on a total of 217 NMR-derived interproton distance restraints (108 intranucleotide and 109 internucleotide).  Hydrogn bond restraints were used for the six WC pairs and for the G8-U14 wobble pair.  On the basis of NMR data that is consistent with the formation of tandem sheared AA pairs, two artificial hydrogen bonding restraints were used between each sheared AA pair.
;
_pdbx_nmr_refine.software_ordinal   1 
# 
loop_
_pdbx_nmr_software.name 
_pdbx_nmr_software.version 
_pdbx_nmr_software.classification 
_pdbx_nmr_software.authors 
_pdbx_nmr_software.ordinal 
VNMR     5.2  collection           Varian  1 
Felix    2000 'data analysis'      Felix   2 
Discover 95.0 'structure solution' Insight 3 
Discover 95.0 refinement           Insight 4 
# 
loop_
_chem_comp_atom.comp_id 
_chem_comp_atom.atom_id 
_chem_comp_atom.type_symbol 
_chem_comp_atom.pdbx_aromatic_flag 
_chem_comp_atom.pdbx_stereo_config 
_chem_comp_atom.pdbx_ordinal 
A OP3    O N N 1   
A P      P N N 2   
A OP1    O N N 3   
A OP2    O N N 4   
A "O5'"  O N N 5   
A "C5'"  C N N 6   
A "C4'"  C N R 7   
A "O4'"  O N N 8   
A "C3'"  C N S 9   
A "O3'"  O N N 10  
A "C2'"  C N R 11  
A "O2'"  O N N 12  
A "C1'"  C N R 13  
A N9     N Y N 14  
A C8     C Y N 15  
A N7     N Y N 16  
A C5     C Y N 17  
A C6     C Y N 18  
A N6     N N N 19  
A N1     N Y N 20  
A C2     C Y N 21  
A N3     N Y N 22  
A C4     C Y N 23  
A HOP3   H N N 24  
A HOP2   H N N 25  
A "H5'"  H N N 26  
A "H5''" H N N 27  
A "H4'"  H N N 28  
A "H3'"  H N N 29  
A "HO3'" H N N 30  
A "H2'"  H N N 31  
A "HO2'" H N N 32  
A "H1'"  H N N 33  
A H8     H N N 34  
A H61    H N N 35  
A H62    H N N 36  
A H2     H N N 37  
C OP3    O N N 38  
C P      P N N 39  
C OP1    O N N 40  
C OP2    O N N 41  
C "O5'"  O N N 42  
C "C5'"  C N N 43  
C "C4'"  C N R 44  
C "O4'"  O N N 45  
C "C3'"  C N S 46  
C "O3'"  O N N 47  
C "C2'"  C N R 48  
C "O2'"  O N N 49  
C "C1'"  C N R 50  
C N1     N N N 51  
C C2     C N N 52  
C O2     O N N 53  
C N3     N N N 54  
C C4     C N N 55  
C N4     N N N 56  
C C5     C N N 57  
C C6     C N N 58  
C HOP3   H N N 59  
C HOP2   H N N 60  
C "H5'"  H N N 61  
C "H5''" H N N 62  
C "H4'"  H N N 63  
C "H3'"  H N N 64  
C "HO3'" H N N 65  
C "H2'"  H N N 66  
C "HO2'" H N N 67  
C "H1'"  H N N 68  
C H41    H N N 69  
C H42    H N N 70  
C H5     H N N 71  
C H6     H N N 72  
G OP3    O N N 73  
G P      P N N 74  
G OP1    O N N 75  
G OP2    O N N 76  
G "O5'"  O N N 77  
G "C5'"  C N N 78  
G "C4'"  C N R 79  
G "O4'"  O N N 80  
G "C3'"  C N S 81  
G "O3'"  O N N 82  
G "C2'"  C N R 83  
G "O2'"  O N N 84  
G "C1'"  C N R 85  
G N9     N Y N 86  
G C8     C Y N 87  
G N7     N Y N 88  
G C5     C Y N 89  
G C6     C N N 90  
G O6     O N N 91  
G N1     N N N 92  
G C2     C N N 93  
G N2     N N N 94  
G N3     N N N 95  
G C4     C Y N 96  
G HOP3   H N N 97  
G HOP2   H N N 98  
G "H5'"  H N N 99  
G "H5''" H N N 100 
G "H4'"  H N N 101 
G "H3'"  H N N 102 
G "HO3'" H N N 103 
G "H2'"  H N N 104 
G "HO2'" H N N 105 
G "H1'"  H N N 106 
G H8     H N N 107 
G H1     H N N 108 
G H21    H N N 109 
G H22    H N N 110 
U OP3    O N N 111 
U P      P N N 112 
U OP1    O N N 113 
U OP2    O N N 114 
U "O5'"  O N N 115 
U "C5'"  C N N 116 
U "C4'"  C N R 117 
U "O4'"  O N N 118 
U "C3'"  C N S 119 
U "O3'"  O N N 120 
U "C2'"  C N R 121 
U "O2'"  O N N 122 
U "C1'"  C N R 123 
U N1     N N N 124 
U C2     C N N 125 
U O2     O N N 126 
U N3     N N N 127 
U C4     C N N 128 
U O4     O N N 129 
U C5     C N N 130 
U C6     C N N 131 
U HOP3   H N N 132 
U HOP2   H N N 133 
U "H5'"  H N N 134 
U "H5''" H N N 135 
U "H4'"  H N N 136 
U "H3'"  H N N 137 
U "HO3'" H N N 138 
U "H2'"  H N N 139 
U "HO2'" H N N 140 
U "H1'"  H N N 141 
U H3     H N N 142 
U H5     H N N 143 
U H6     H N N 144 
# 
loop_
_chem_comp_bond.comp_id 
_chem_comp_bond.atom_id_1 
_chem_comp_bond.atom_id_2 
_chem_comp_bond.value_order 
_chem_comp_bond.pdbx_aromatic_flag 
_chem_comp_bond.pdbx_stereo_config 
_chem_comp_bond.pdbx_ordinal 
A OP3   P      sing N N 1   
A OP3   HOP3   sing N N 2   
A P     OP1    doub N N 3   
A P     OP2    sing N N 4   
A P     "O5'"  sing N N 5   
A OP2   HOP2   sing N N 6   
A "O5'" "C5'"  sing N N 7   
A "C5'" "C4'"  sing N N 8   
A "C5'" "H5'"  sing N N 9   
A "C5'" "H5''" sing N N 10  
A "C4'" "O4'"  sing N N 11  
A "C4'" "C3'"  sing N N 12  
A "C4'" "H4'"  sing N N 13  
A "O4'" "C1'"  sing N N 14  
A "C3'" "O3'"  sing N N 15  
A "C3'" "C2'"  sing N N 16  
A "C3'" "H3'"  sing N N 17  
A "O3'" "HO3'" sing N N 18  
A "C2'" "O2'"  sing N N 19  
A "C2'" "C1'"  sing N N 20  
A "C2'" "H2'"  sing N N 21  
A "O2'" "HO2'" sing N N 22  
A "C1'" N9     sing N N 23  
A "C1'" "H1'"  sing N N 24  
A N9    C8     sing Y N 25  
A N9    C4     sing Y N 26  
A C8    N7     doub Y N 27  
A C8    H8     sing N N 28  
A N7    C5     sing Y N 29  
A C5    C6     sing Y N 30  
A C5    C4     doub Y N 31  
A C6    N6     sing N N 32  
A C6    N1     doub Y N 33  
A N6    H61    sing N N 34  
A N6    H62    sing N N 35  
A N1    C2     sing Y N 36  
A C2    N3     doub Y N 37  
A C2    H2     sing N N 38  
A N3    C4     sing Y N 39  
C OP3   P      sing N N 40  
C OP3   HOP3   sing N N 41  
C P     OP1    doub N N 42  
C P     OP2    sing N N 43  
C P     "O5'"  sing N N 44  
C OP2   HOP2   sing N N 45  
C "O5'" "C5'"  sing N N 46  
C "C5'" "C4'"  sing N N 47  
C "C5'" "H5'"  sing N N 48  
C "C5'" "H5''" sing N N 49  
C "C4'" "O4'"  sing N N 50  
C "C4'" "C3'"  sing N N 51  
C "C4'" "H4'"  sing N N 52  
C "O4'" "C1'"  sing N N 53  
C "C3'" "O3'"  sing N N 54  
C "C3'" "C2'"  sing N N 55  
C "C3'" "H3'"  sing N N 56  
C "O3'" "HO3'" sing N N 57  
C "C2'" "O2'"  sing N N 58  
C "C2'" "C1'"  sing N N 59  
C "C2'" "H2'"  sing N N 60  
C "O2'" "HO2'" sing N N 61  
C "C1'" N1     sing N N 62  
C "C1'" "H1'"  sing N N 63  
C N1    C2     sing N N 64  
C N1    C6     sing N N 65  
C C2    O2     doub N N 66  
C C2    N3     sing N N 67  
C N3    C4     doub N N 68  
C C4    N4     sing N N 69  
C C4    C5     sing N N 70  
C N4    H41    sing N N 71  
C N4    H42    sing N N 72  
C C5    C6     doub N N 73  
C C5    H5     sing N N 74  
C C6    H6     sing N N 75  
G OP3   P      sing N N 76  
G OP3   HOP3   sing N N 77  
G P     OP1    doub N N 78  
G P     OP2    sing N N 79  
G P     "O5'"  sing N N 80  
G OP2   HOP2   sing N N 81  
G "O5'" "C5'"  sing N N 82  
G "C5'" "C4'"  sing N N 83  
G "C5'" "H5'"  sing N N 84  
G "C5'" "H5''" sing N N 85  
G "C4'" "O4'"  sing N N 86  
G "C4'" "C3'"  sing N N 87  
G "C4'" "H4'"  sing N N 88  
G "O4'" "C1'"  sing N N 89  
G "C3'" "O3'"  sing N N 90  
G "C3'" "C2'"  sing N N 91  
G "C3'" "H3'"  sing N N 92  
G "O3'" "HO3'" sing N N 93  
G "C2'" "O2'"  sing N N 94  
G "C2'" "C1'"  sing N N 95  
G "C2'" "H2'"  sing N N 96  
G "O2'" "HO2'" sing N N 97  
G "C1'" N9     sing N N 98  
G "C1'" "H1'"  sing N N 99  
G N9    C8     sing Y N 100 
G N9    C4     sing Y N 101 
G C8    N7     doub Y N 102 
G C8    H8     sing N N 103 
G N7    C5     sing Y N 104 
G C5    C6     sing N N 105 
G C5    C4     doub Y N 106 
G C6    O6     doub N N 107 
G C6    N1     sing N N 108 
G N1    C2     sing N N 109 
G N1    H1     sing N N 110 
G C2    N2     sing N N 111 
G C2    N3     doub N N 112 
G N2    H21    sing N N 113 
G N2    H22    sing N N 114 
G N3    C4     sing N N 115 
U OP3   P      sing N N 116 
U OP3   HOP3   sing N N 117 
U P     OP1    doub N N 118 
U P     OP2    sing N N 119 
U P     "O5'"  sing N N 120 
U OP2   HOP2   sing N N 121 
U "O5'" "C5'"  sing N N 122 
U "C5'" "C4'"  sing N N 123 
U "C5'" "H5'"  sing N N 124 
U "C5'" "H5''" sing N N 125 
U "C4'" "O4'"  sing N N 126 
U "C4'" "C3'"  sing N N 127 
U "C4'" "H4'"  sing N N 128 
U "O4'" "C1'"  sing N N 129 
U "C3'" "O3'"  sing N N 130 
U "C3'" "C2'"  sing N N 131 
U "C3'" "H3'"  sing N N 132 
U "O3'" "HO3'" sing N N 133 
U "C2'" "O2'"  sing N N 134 
U "C2'" "C1'"  sing N N 135 
U "C2'" "H2'"  sing N N 136 
U "O2'" "HO2'" sing N N 137 
U "C1'" N1     sing N N 138 
U "C1'" "H1'"  sing N N 139 
U N1    C2     sing N N 140 
U N1    C6     sing N N 141 
U C2    O2     doub N N 142 
U C2    N3     sing N N 143 
U N3    C4     sing N N 144 
U N3    H3     sing N N 145 
U C4    O4     doub N N 146 
U C4    C5     sing N N 147 
U C5    C6     doub N N 148 
U C5    H5     sing N N 149 
U C6    H6     sing N N 150 
# 
loop_
_ndb_struct_conf_na.entry_id 
_ndb_struct_conf_na.feature 
1TUT 'double helix'         
1TUT 'a-form double helix'  
1TUT 'mismatched base pair' 
# 
loop_
_ndb_struct_na_base_pair.model_number 
_ndb_struct_na_base_pair.i_label_asym_id 
_ndb_struct_na_base_pair.i_label_comp_id 
_ndb_struct_na_base_pair.i_label_seq_id 
_ndb_struct_na_base_pair.i_symmetry 
_ndb_struct_na_base_pair.j_label_asym_id 
_ndb_struct_na_base_pair.j_label_comp_id 
_ndb_struct_na_base_pair.j_label_seq_id 
_ndb_struct_na_base_pair.j_symmetry 
_ndb_struct_na_base_pair.shear 
_ndb_struct_na_base_pair.stretch 
_ndb_struct_na_base_pair.stagger 
_ndb_struct_na_base_pair.buckle 
_ndb_struct_na_base_pair.propeller 
_ndb_struct_na_base_pair.opening 
_ndb_struct_na_base_pair.pair_number 
_ndb_struct_na_base_pair.pair_name 
_ndb_struct_na_base_pair.i_auth_asym_id 
_ndb_struct_na_base_pair.i_auth_seq_id 
_ndb_struct_na_base_pair.i_PDB_ins_code 
_ndb_struct_na_base_pair.j_auth_asym_id 
_ndb_struct_na_base_pair.j_auth_seq_id 
_ndb_struct_na_base_pair.j_PDB_ins_code 
_ndb_struct_na_base_pair.hbond_type_28 
_ndb_struct_na_base_pair.hbond_type_12 
1 A G 1  1_555 B C 11 1_555 -0.445 -0.077 -0.737 -22.809 -10.764 -0.467  1  A_G1:C21_B   A 1  ? B 21 ? 19 1  
1 A A 2  1_555 B U 10 1_555 0.198  0.096  -0.391 -19.421 -5.777  -0.293  2  A_A2:U20_B   A 2  ? B 20 ? 20 1  
1 A G 3  1_555 B C 9  1_555 -0.403 -0.083 -0.134 -2.562  -4.666  0.162   3  A_G3:C19_B   A 3  ? B 19 ? 19 1  
1 A G 4  1_555 B U 8  1_555 -1.967 -0.386 0.328  1.716   -20.242 -1.528  4  A_G4:U18_B   A 4  ? B 18 ? 28 1  
1 A A 5  1_555 B A 7  1_555 6.483  -4.541 -0.073 3.621   -16.119 -14.589 5  A_A5:A17_B   A 5  ? B 17 ? ?  10 
1 A A 6  1_555 B A 6  1_555 -6.487 -4.215 0.034  -7.921  4.069   -13.754 6  A_A6:A16_B   A 6  ? B 16 ? ?  10 
1 A G 7  1_555 B U 5  1_555 -2.659 -0.442 -0.297 -0.482  -13.869 4.948   7  A_G7:U15_B   A 7  ? B 15 ? 28 ?  
1 A G 8  1_555 B U 4  1_555 -2.218 -0.328 0.243  4.245   -13.558 1.831   8  A_G8:U14_B   A 8  ? B 14 ? 28 1  
1 A C 9  1_555 B G 3  1_555 0.243  -0.068 0.001  7.907   -19.629 0.458   9  A_C9:G13_B   A 9  ? B 13 ? 19 1  
1 A G 10 1_555 B C 2  1_555 -0.443 -0.108 -0.016 -1.428  -17.927 0.009   10 A_G10:C12_B  A 10 ? B 12 ? 19 1  
1 A A 11 1_555 B U 1  1_555 0.182  0.008  -0.368 -4.994  -23.613 -1.655  11 A_A11:U11B_B A 11 ? B 11 B 20 1  
# 
loop_
_ndb_struct_na_base_pair_step.model_number 
_ndb_struct_na_base_pair_step.i_label_asym_id_1 
_ndb_struct_na_base_pair_step.i_label_comp_id_1 
_ndb_struct_na_base_pair_step.i_label_seq_id_1 
_ndb_struct_na_base_pair_step.i_symmetry_1 
_ndb_struct_na_base_pair_step.j_label_asym_id_1 
_ndb_struct_na_base_pair_step.j_label_comp_id_1 
_ndb_struct_na_base_pair_step.j_label_seq_id_1 
_ndb_struct_na_base_pair_step.j_symmetry_1 
_ndb_struct_na_base_pair_step.i_label_asym_id_2 
_ndb_struct_na_base_pair_step.i_label_comp_id_2 
_ndb_struct_na_base_pair_step.i_label_seq_id_2 
_ndb_struct_na_base_pair_step.i_symmetry_2 
_ndb_struct_na_base_pair_step.j_label_asym_id_2 
_ndb_struct_na_base_pair_step.j_label_comp_id_2 
_ndb_struct_na_base_pair_step.j_label_seq_id_2 
_ndb_struct_na_base_pair_step.j_symmetry_2 
_ndb_struct_na_base_pair_step.shift 
_ndb_struct_na_base_pair_step.slide 
_ndb_struct_na_base_pair_step.rise 
_ndb_struct_na_base_pair_step.tilt 
_ndb_struct_na_base_pair_step.roll 
_ndb_struct_na_base_pair_step.twist 
_ndb_struct_na_base_pair_step.x_displacement 
_ndb_struct_na_base_pair_step.y_displacement 
_ndb_struct_na_base_pair_step.helical_rise 
_ndb_struct_na_base_pair_step.inclination 
_ndb_struct_na_base_pair_step.tip 
_ndb_struct_na_base_pair_step.helical_twist 
_ndb_struct_na_base_pair_step.step_number 
_ndb_struct_na_base_pair_step.step_name 
_ndb_struct_na_base_pair_step.i_auth_asym_id_1 
_ndb_struct_na_base_pair_step.i_auth_seq_id_1 
_ndb_struct_na_base_pair_step.i_PDB_ins_code_1 
_ndb_struct_na_base_pair_step.j_auth_asym_id_1 
_ndb_struct_na_base_pair_step.j_auth_seq_id_1 
_ndb_struct_na_base_pair_step.j_PDB_ins_code_1 
_ndb_struct_na_base_pair_step.i_auth_asym_id_2 
_ndb_struct_na_base_pair_step.i_auth_seq_id_2 
_ndb_struct_na_base_pair_step.i_PDB_ins_code_2 
_ndb_struct_na_base_pair_step.j_auth_asym_id_2 
_ndb_struct_na_base_pair_step.j_auth_seq_id_2 
_ndb_struct_na_base_pair_step.j_PDB_ins_code_2 
1 A G 1  1_555 B C 11 1_555 A A 2  1_555 B U 10 1_555 0.364  -1.121 3.218 -0.745 9.119  34.023  -3.130 -0.706 2.825 15.245 1.245  
35.197  1  AA_G1A2:U20C21_BB    A 1  ? B 21 ? A 2  ? B 20 ? 
1 A A 2  1_555 B U 10 1_555 A G 3  1_555 B C 9  1_555 0.413  -1.421 2.992 0.890  2.073  27.591  -3.423 -0.669 2.891 4.337  -1.862 
27.681  2  AA_A2G3:C19U20_BB    A 2  ? B 20 ? A 3  ? B 19 ? 
1 A G 3  1_555 B C 9  1_555 A G 4  1_555 B U 8  1_555 0.422  -2.507 2.949 -4.405 9.438  23.078  -7.767 -1.917 1.699 22.197 10.360 
25.291  3  AA_G3G4:U18C19_BB    A 3  ? B 19 ? A 4  ? B 18 ? 
1 A G 4  1_555 B U 8  1_555 A A 5  1_555 B A 7  1_555 -2.085 -0.865 3.527 -0.514 -2.506 69.995  -0.658 1.797  3.565 -2.184 0.448  
70.036  4  AA_G4A5:A17U18_BB    A 4  ? B 18 ? A 5  ? B 17 ? 
1 A A 5  1_555 B A 7  1_555 A A 6  1_555 B A 6  1_555 0.203  -1.455 3.581 1.697  1.398  -16.841 3.923  1.906  3.651 -4.749 5.763  
-16.983 5  AA_A5A6:A16A17_BB    A 5  ? B 17 ? A 6  ? B 16 ? 
1 A A 6  1_555 B A 6  1_555 A G 7  1_555 B U 5  1_555 2.311  -1.447 3.157 0.190  5.993  43.366  -2.478 -3.083 2.950 8.064  -0.255 
43.759  6  AA_A6G7:U15A16_BB    A 6  ? B 16 ? A 7  ? B 15 ? 
1 A G 7  1_555 B U 5  1_555 A G 8  1_555 B U 4  1_555 -0.152 -1.846 3.244 -5.935 -1.070 30.052  -3.281 -0.890 3.275 -2.039 11.302 
30.637  7  AA_G7G8:U14U15_BB    A 7  ? B 15 ? A 8  ? B 14 ? 
1 A G 8  1_555 B U 4  1_555 A C 9  1_555 B G 3  1_555 -0.374 -1.503 3.244 0.069  -0.115 41.810  -2.093 0.531  3.247 -0.162 -0.097 
41.811  8  AA_G8C9:G13U14_BB    A 8  ? B 14 ? A 9  ? B 13 ? 
1 A C 9  1_555 B G 3  1_555 A G 10 1_555 B C 2  1_555 -0.571 -1.497 3.329 -2.150 15.939 31.471  -4.655 0.648  2.356 27.270 3.679  
35.250  9  AA_C9G10:C12G13_BB   A 9  ? B 13 ? A 10 ? B 12 ? 
1 A G 10 1_555 B C 2  1_555 A A 11 1_555 B U 1  1_555 -0.411 -0.654 3.338 1.549  8.542  36.372  -2.144 0.845  3.091 13.450 -2.439 
37.360  10 AA_G10A11:U11BC12_BB A 10 ? B 12 ? A 11 ? B 11 B 
# 
_pdbx_nmr_spectrometer.spectrometer_id   1 
_pdbx_nmr_spectrometer.type              ? 
_pdbx_nmr_spectrometer.manufacturer      Varian 
_pdbx_nmr_spectrometer.model             INOVA 
_pdbx_nmr_spectrometer.field_strength    500 
# 
_atom_sites.entry_id                    1TUT 
_atom_sites.fract_transf_matrix[1][1]   1.000000 
_atom_sites.fract_transf_matrix[1][2]   0.000000 
_atom_sites.fract_transf_matrix[1][3]   0.000000 
_atom_sites.fract_transf_matrix[2][1]   0.000000 
_atom_sites.fract_transf_matrix[2][2]   1.000000 
_atom_sites.fract_transf_matrix[2][3]   0.000000 
_atom_sites.fract_transf_matrix[3][1]   0.000000 
_atom_sites.fract_transf_matrix[3][2]   0.000000 
_atom_sites.fract_transf_matrix[3][3]   1.000000 
_atom_sites.fract_transf_vector[1]      0.00000 
_atom_sites.fract_transf_vector[2]      0.00000 
_atom_sites.fract_transf_vector[3]      0.00000 
# 
loop_
_atom_type.symbol 
C 
H 
N 
O 
P 
# 
loop_
_atom_site.group_PDB 
_atom_site.id 
_atom_site.type_symbol 
_atom_site.label_atom_id 
_atom_site.label_alt_id 
_atom_site.label_comp_id 
_atom_site.label_asym_id 
_atom_site.label_entity_id 
_atom_site.label_seq_id 
_atom_site.pdbx_PDB_ins_code 
_atom_site.Cartn_x 
_atom_site.Cartn_y 
_atom_site.Cartn_z 
_atom_site.occupancy 
_atom_site.B_iso_or_equiv 
_atom_site.pdbx_formal_charge 
_atom_site.auth_seq_id 
_atom_site.auth_comp_id 
_atom_site.auth_asym_id 
_atom_site.auth_atom_id 
_atom_site.pdbx_PDB_model_num 
ATOM 1   O "O5'"  . G A 1 1  ? -11.035 11.604  -5.146  1.00 0.00 ? 1  G A "O5'"  1 
ATOM 2   C "C5'"  . G A 1 1  ? -11.851 12.385  -6.003  1.00 0.00 ? 1  G A "C5'"  1 
ATOM 3   C "C4'"  . G A 1 1  ? -11.047 13.186  -7.043  1.00 0.00 ? 1  G A "C4'"  1 
ATOM 4   O "O4'"  . G A 1 1  ? -10.513 14.401  -6.540  1.00 0.00 ? 1  G A "O4'"  1 
ATOM 5   C "C3'"  . G A 1 1  ? -9.858  12.423  -7.619  1.00 0.00 ? 1  G A "C3'"  1 
ATOM 6   O "O3'"  . G A 1 1  ? -10.273 11.481  -8.583  1.00 0.00 ? 1  G A "O3'"  1 
ATOM 7   C "C2'"  . G A 1 1  ? -9.013  13.549  -8.184  1.00 0.00 ? 1  G A "C2'"  1 
ATOM 8   O "O2'"  . G A 1 1  ? -9.529  14.023  -9.414  1.00 0.00 ? 1  G A "O2'"  1 
ATOM 9   C "C1'"  . G A 1 1  ? -9.207  14.596  -7.084  1.00 0.00 ? 1  G A "C1'"  1 
ATOM 10  N N9     . G A 1 1  ? -8.215  14.465  -5.988  1.00 0.00 ? 1  G A N9     1 
ATOM 11  C C8     . G A 1 1  ? -8.438  14.197  -4.659  1.00 0.00 ? 1  G A C8     1 
ATOM 12  N N7     . G A 1 1  ? -7.377  14.284  -3.908  1.00 0.00 ? 1  G A N7     1 
ATOM 13  C C5     . G A 1 1  ? -6.360  14.604  -4.804  1.00 0.00 ? 1  G A C5     1 
ATOM 14  C C6     . G A 1 1  ? -4.961  14.827  -4.583  1.00 0.00 ? 1  G A C6     1 
ATOM 15  O O6     . G A 1 1  ? -4.338  14.811  -3.524  1.00 0.00 ? 1  G A O6     1 
ATOM 16  N N1     . G A 1 1  ? -4.264  15.088  -5.758  1.00 0.00 ? 1  G A N1     1 
ATOM 17  C C2     . G A 1 1  ? -4.848  15.150  -7.002  1.00 0.00 ? 1  G A C2     1 
ATOM 18  N N2     . G A 1 1  ? -4.042  15.369  -8.032  1.00 0.00 ? 1  G A N2     1 
ATOM 19  N N3     . G A 1 1  ? -6.160  14.984  -7.221  1.00 0.00 ? 1  G A N3     1 
ATOM 20  C C4     . G A 1 1  ? -6.863  14.702  -6.084  1.00 0.00 ? 1  G A C4     1 
ATOM 21  H "H5'"  . G A 1 1  ? -12.450 13.074  -5.408  1.00 0.00 ? 1  G A "H5'"  1 
ATOM 22  H "H5''" . G A 1 1  ? -12.524 11.711  -6.532  1.00 0.00 ? 1  G A "H5''" 1 
ATOM 23  H "H4'"  . G A 1 1  ? -11.716 13.442  -7.864  1.00 0.00 ? 1  G A "H4'"  1 
ATOM 24  H "H3'"  . G A 1 1  ? -9.279  11.958  -6.821  1.00 0.00 ? 1  G A "H3'"  1 
ATOM 25  H "H2'"  . G A 1 1  ? -7.971  13.246  -8.296  1.00 0.00 ? 1  G A "H2'"  1 
ATOM 26  H "HO2'" . G A 1 1  ? -9.730  13.252  -9.954  1.00 0.00 ? 1  G A "HO2'" 1 
ATOM 27  H "H1'"  . G A 1 1  ? -9.110  15.587  -7.521  1.00 0.00 ? 1  G A "H1'"  1 
ATOM 28  H H8     . G A 1 1  ? -9.414  13.958  -4.263  1.00 0.00 ? 1  G A H8     1 
ATOM 29  H H1     . G A 1 1  ? -3.266  15.221  -5.674  1.00 0.00 ? 1  G A H1     1 
ATOM 30  H H21    . G A 1 1  ? -3.039  15.458  -7.893  1.00 0.00 ? 1  G A H21    1 
ATOM 31  H H22    . G A 1 1  ? -4.446  15.405  -8.953  1.00 0.00 ? 1  G A H22    1 
ATOM 32  H "HO5'" . G A 1 1  ? -10.663 10.868  -5.662  1.00 0.00 ? 1  G A "HO5'" 1 
ATOM 33  P P      . A A 1 2  ? -9.903  9.933   -8.393  1.00 0.00 ? 2  A A P      1 
ATOM 34  O OP1    . A A 1 2  ? -10.638 9.151   -9.409  1.00 0.00 ? 2  A A OP1    1 
ATOM 35  O OP2    . A A 1 2  ? -10.043 9.617   -6.951  1.00 0.00 ? 2  A A OP2    1 
ATOM 36  O "O5'"  . A A 1 2  ? -8.342  9.996   -8.791  1.00 0.00 ? 2  A A "O5'"  1 
ATOM 37  C "C5'"  . A A 1 2  ? -7.961  10.230  -10.136 1.00 0.00 ? 2  A A "C5'"  1 
ATOM 38  C "C4'"  . A A 1 2  ? -6.482  10.594  -10.269 1.00 0.00 ? 2  A A "C4'"  1 
ATOM 39  O "O4'"  . A A 1 2  ? -6.153  11.779  -9.553  1.00 0.00 ? 2  A A "O4'"  1 
ATOM 40  C "C3'"  . A A 1 2  ? -5.530  9.509   -9.777  1.00 0.00 ? 2  A A "C3'"  1 
ATOM 41  O "O3'"  . A A 1 2  ? -5.382  8.462   -10.723 1.00 0.00 ? 2  A A "O3'"  1 
ATOM 42  C "C2'"  . A A 1 2  ? -4.259  10.340  -9.602  1.00 0.00 ? 2  A A "C2'"  1 
ATOM 43  O "O2'"  . A A 1 2  ? -3.605  10.574  -10.836 1.00 0.00 ? 2  A A "O2'"  1 
ATOM 44  C "C1'"  . A A 1 2  ? -4.814  11.669  -9.086  1.00 0.00 ? 2  A A "C1'"  1 
ATOM 45  N N9     . A A 1 2  ? -4.751  11.705  -7.607  1.00 0.00 ? 2  A A N9     1 
ATOM 46  C C8     . A A 1 2  ? -5.743  11.491  -6.681  1.00 0.00 ? 2  A A C8     1 
ATOM 47  N N7     . A A 1 2  ? -5.327  11.521  -5.443  1.00 0.00 ? 2  A A N7     1 
ATOM 48  C C5     . A A 1 2  ? -3.960  11.788  -5.556  1.00 0.00 ? 2  A A C5     1 
ATOM 49  C C6     . A A 1 2  ? -2.909  11.976  -4.624  1.00 0.00 ? 2  A A C6     1 
ATOM 50  N N6     . A A 1 2  ? -3.057  11.901  -3.302  1.00 0.00 ? 2  A A N6     1 
ATOM 51  N N1     . A A 1 2  ? -1.676  12.271  -5.073  1.00 0.00 ? 2  A A N1     1 
ATOM 52  C C2     . A A 1 2  ? -1.480  12.371  -6.385  1.00 0.00 ? 2  A A C2     1 
ATOM 53  N N3     . A A 1 2  ? -2.368  12.211  -7.363  1.00 0.00 ? 2  A A N3     1 
ATOM 54  C C4     . A A 1 2  ? -3.608  11.918  -6.875  1.00 0.00 ? 2  A A C4     1 
ATOM 55  H "H5'"  . A A 1 2  ? -8.550  11.053  -10.542 1.00 0.00 ? 2  A A "H5'"  1 
ATOM 56  H "H5''" . A A 1 2  ? -8.166  9.335   -10.725 1.00 0.00 ? 2  A A "H5''" 1 
ATOM 57  H "H4'"  . A A 1 2  ? -6.268  10.771  -11.325 1.00 0.00 ? 2  A A "H4'"  1 
ATOM 58  H "H3'"  . A A 1 2  ? -5.869  9.134   -8.810  1.00 0.00 ? 2  A A "H3'"  1 
ATOM 59  H "H2'"  . A A 1 2  ? -3.572  9.876   -8.894  1.00 0.00 ? 2  A A "H2'"  1 
ATOM 60  H "HO2'" . A A 1 2  ? -3.409  9.714   -11.218 1.00 0.00 ? 2  A A "HO2'" 1 
ATOM 61  H "H1'"  . A A 1 2  ? -4.208  12.486  -9.480  1.00 0.00 ? 2  A A "H1'"  1 
ATOM 62  H H8     . A A 1 2  ? -6.776  11.325  -6.954  1.00 0.00 ? 2  A A H8     1 
ATOM 63  H H61    . A A 1 2  ? -2.254  12.057  -2.705  1.00 0.00 ? 2  A A H61    1 
ATOM 64  H H62    . A A 1 2  ? -3.965  11.689  -2.920  1.00 0.00 ? 2  A A H62    1 
ATOM 65  H H2     . A A 1 2  ? -0.474  12.608  -6.695  1.00 0.00 ? 2  A A H2     1 
ATOM 66  P P      . G A 1 3  ? -4.814  7.011   -10.302 1.00 0.00 ? 3  G A P      1 
ATOM 67  O OP1    . G A 1 3  ? -4.900  6.131   -11.489 1.00 0.00 ? 3  G A OP1    1 
ATOM 68  O OP2    . G A 1 3  ? -5.462  6.611   -9.037  1.00 0.00 ? 3  G A OP2    1 
ATOM 69  O "O5'"  . G A 1 3  ? -3.259  7.304   -9.996  1.00 0.00 ? 3  G A "O5'"  1 
ATOM 70  C "C5'"  . G A 1 3  ? -2.305  7.415   -11.036 1.00 0.00 ? 3  G A "C5'"  1 
ATOM 71  C "C4'"  . G A 1 3  ? -0.945  7.831   -10.470 1.00 0.00 ? 3  G A "C4'"  1 
ATOM 72  O "O4'"  . G A 1 3  ? -1.043  9.012   -9.684  1.00 0.00 ? 3  G A "O4'"  1 
ATOM 73  C "C3'"  . G A 1 3  ? -0.302  6.765   -9.585  1.00 0.00 ? 3  G A "C3'"  1 
ATOM 74  O "O3'"  . G A 1 3  ? 0.342   5.753   -10.348 1.00 0.00 ? 3  G A "O3'"  1 
ATOM 75  C "C2'"  . G A 1 3  ? 0.666   7.629   -8.778  1.00 0.00 ? 3  G A "C2'"  1 
ATOM 76  O "O2'"  . G A 1 3  ? 1.863   7.900   -9.486  1.00 0.00 ? 3  G A "O2'"  1 
ATOM 77  C "C1'"  . G A 1 3  ? -0.117  8.929   -8.609  1.00 0.00 ? 3  G A "C1'"  1 
ATOM 78  N N9     . G A 1 3  ? -0.782  8.939   -7.285  1.00 0.00 ? 3  G A N9     1 
ATOM 79  C C8     . G A 1 3  ? -2.037  8.513   -6.923  1.00 0.00 ? 3  G A C8     1 
ATOM 80  N N7     . G A 1 3  ? -2.268  8.572   -5.639  1.00 0.00 ? 3  G A N7     1 
ATOM 81  C C5     . G A 1 3  ? -1.073  9.046   -5.099  1.00 0.00 ? 3  G A C5     1 
ATOM 82  C C6     . G A 1 3  ? -0.686  9.303   -3.738  1.00 0.00 ? 3  G A C6     1 
ATOM 83  O O6     . G A 1 3  ? -1.343  9.174   -2.709  1.00 0.00 ? 3  G A O6     1 
ATOM 84  N N1     . G A 1 3  ? 0.624   9.758   -3.629  1.00 0.00 ? 3  G A N1     1 
ATOM 85  C C2     . G A 1 3  ? 1.466   9.950   -4.699  1.00 0.00 ? 3  G A C2     1 
ATOM 86  N N2     . G A 1 3  ? 2.699   10.357  -4.436  1.00 0.00 ? 3  G A N2     1 
ATOM 87  N N3     . G A 1 3  ? 1.118   9.729   -5.972  1.00 0.00 ? 3  G A N3     1 
ATOM 88  C C4     . G A 1 3  ? -0.162  9.276   -6.107  1.00 0.00 ? 3  G A C4     1 
ATOM 89  H "H5'"  . G A 1 3  ? -2.634  8.162   -11.757 1.00 0.00 ? 3  G A "H5'"  1 
ATOM 90  H "H5''" . G A 1 3  ? -2.206  6.456   -11.546 1.00 0.00 ? 3  G A "H5''" 1 
ATOM 91  H "H4'"  . G A 1 3  ? -0.265  8.029   -11.300 1.00 0.00 ? 3  G A "H4'"  1 
ATOM 92  H "H3'"  . G A 1 3  ? -1.053  6.334   -8.921  1.00 0.00 ? 3  G A "H3'"  1 
ATOM 93  H "H2'"  . G A 1 3  ? 0.898   7.165   -7.818  1.00 0.00 ? 3  G A "H2'"  1 
ATOM 94  H "HO2'" . G A 1 3  ? 2.319   7.055   -9.591  1.00 0.00 ? 3  G A "HO2'" 1 
ATOM 95  H "H1'"  . G A 1 3  ? 0.577   9.770   -8.652  1.00 0.00 ? 3  G A "H1'"  1 
ATOM 96  H H8     . G A 1 3  ? -2.769  8.157   -7.634  1.00 0.00 ? 3  G A H8     1 
ATOM 97  H H1     . G A 1 3  ? 0.960   9.940   -2.694  1.00 0.00 ? 3  G A H1     1 
ATOM 98  H H21    . G A 1 3  ? 3.005   10.500  -3.477  1.00 0.00 ? 3  G A H21    1 
ATOM 99  H H22    . G A 1 3  ? 3.311   10.544  -5.213  1.00 0.00 ? 3  G A H22    1 
ATOM 100 P P      . G A 1 4  ? 1.025   4.466   -9.655  1.00 0.00 ? 4  G A P      1 
ATOM 101 O OP1    . G A 1 4  ? 1.448   3.534   -10.722 1.00 0.00 ? 4  G A OP1    1 
ATOM 102 O OP2    . G A 1 4  ? 0.131   3.998   -8.572  1.00 0.00 ? 4  G A OP2    1 
ATOM 103 O "O5'"  . G A 1 4  ? 2.352   5.105   -8.996  1.00 0.00 ? 4  G A "O5'"  1 
ATOM 104 C "C5'"  . G A 1 4  ? 2.878   4.632   -7.769  1.00 0.00 ? 4  G A "C5'"  1 
ATOM 105 C "C4'"  . G A 1 4  ? 3.927   5.621   -7.258  1.00 0.00 ? 4  G A "C4'"  1 
ATOM 106 O "O4'"  . G A 1 4  ? 3.311   6.813   -6.781  1.00 0.00 ? 4  G A "O4'"  1 
ATOM 107 C "C3'"  . G A 1 4  ? 4.746   5.054   -6.097  1.00 0.00 ? 4  G A "C3'"  1 
ATOM 108 O "O3'"  . G A 1 4  ? 5.790   4.221   -6.590  1.00 0.00 ? 4  G A "O3'"  1 
ATOM 109 C "C2'"  . G A 1 4  ? 5.136   6.344   -5.369  1.00 0.00 ? 4  G A "C2'"  1 
ATOM 110 O "O2'"  . G A 1 4  ? 6.184   7.055   -6.006  1.00 0.00 ? 4  G A "O2'"  1 
ATOM 111 C "C1'"  . G A 1 4  ? 3.849   7.160   -5.511  1.00 0.00 ? 4  G A "C1'"  1 
ATOM 112 N N9     . G A 1 4  ? 2.847   6.853   -4.456  1.00 0.00 ? 4  G A N9     1 
ATOM 113 C C8     . G A 1 4  ? 1.554   6.413   -4.611  1.00 0.00 ? 4  G A C8     1 
ATOM 114 N N7     . G A 1 4  ? 0.879   6.318   -3.502  1.00 0.00 ? 4  G A N7     1 
ATOM 115 C C5     . G A 1 4  ? 1.785   6.721   -2.524  1.00 0.00 ? 4  G A C5     1 
ATOM 116 C C6     . G A 1 4  ? 1.629   6.840   -1.104  1.00 0.00 ? 4  G A C6     1 
ATOM 117 O O6     . G A 1 4  ? 0.635   6.633   -0.414  1.00 0.00 ? 4  G A O6     1 
ATOM 118 N N1     . G A 1 4  ? 2.794   7.239   -0.466  1.00 0.00 ? 4  G A N1     1 
ATOM 119 C C2     . G A 1 4  ? 3.961   7.548   -1.117  1.00 0.00 ? 4  G A C2     1 
ATOM 120 N N2     . G A 1 4  ? 4.982   7.907   -0.349  1.00 0.00 ? 4  G A N2     1 
ATOM 121 N N3     . G A 1 4  ? 4.114   7.485   -2.447  1.00 0.00 ? 4  G A N3     1 
ATOM 122 C C4     . G A 1 4  ? 2.994   7.049   -3.099  1.00 0.00 ? 4  G A C4     1 
ATOM 123 H "H5'"  . G A 1 4  ? 3.337   3.656   -7.934  1.00 0.00 ? 4  G A "H5'"  1 
ATOM 124 H "H5''" . G A 1 4  ? 2.086   4.535   -7.025  1.00 0.00 ? 4  G A "H5''" 1 
ATOM 125 H "H4'"  . G A 1 4  ? 4.610   5.878   -8.069  1.00 0.00 ? 4  G A "H4'"  1 
ATOM 126 H "H3'"  . G A 1 4  ? 4.096   4.472   -5.444  1.00 0.00 ? 4  G A "H3'"  1 
ATOM 127 H "H2'"  . G A 1 4  ? 5.388   6.150   -4.327  1.00 0.00 ? 4  G A "H2'"  1 
ATOM 128 H "HO2'" . G A 1 4  ? 6.942   6.445   -6.095  1.00 0.00 ? 4  G A "HO2'" 1 
ATOM 129 H "H1'"  . G A 1 4  ? 4.084   8.224   -5.475  1.00 0.00 ? 4  G A "H1'"  1 
ATOM 130 H H8     . G A 1 4  ? 1.123   6.177   -5.574  1.00 0.00 ? 4  G A H8     1 
ATOM 131 H H1     . G A 1 4  ? 2.778   7.277   0.543   1.00 0.00 ? 4  G A H1     1 
ATOM 132 H H21    . G A 1 4  ? 4.883   7.938   0.656   1.00 0.00 ? 4  G A H21    1 
ATOM 133 H H22    . G A 1 4  ? 5.861   8.100   -0.802  1.00 0.00 ? 4  G A H22    1 
ATOM 134 P P      . A A 1 5  ? 7.195   3.961   -5.835  1.00 0.00 ? 5  A A P      1 
ATOM 135 O OP1    . A A 1 5  ? 8.038   5.150   -6.104  1.00 0.00 ? 5  A A OP1    1 
ATOM 136 O OP2    . A A 1 5  ? 7.681   2.623   -6.227  1.00 0.00 ? 5  A A OP2    1 
ATOM 137 O "O5'"  . A A 1 5  ? 6.860   3.931   -4.254  1.00 0.00 ? 5  A A "O5'"  1 
ATOM 138 C "C5'"  . A A 1 5  ? 7.719   4.589   -3.336  1.00 0.00 ? 5  A A "C5'"  1 
ATOM 139 C "C4'"  . A A 1 5  ? 7.304   4.416   -1.874  1.00 0.00 ? 5  A A "C4'"  1 
ATOM 140 O "O4'"  . A A 1 5  ? 6.077   5.064   -1.583  1.00 0.00 ? 5  A A "O4'"  1 
ATOM 141 C "C3'"  . A A 1 5  ? 7.143   2.967   -1.422  1.00 0.00 ? 5  A A "C3'"  1 
ATOM 142 O "O3'"  . A A 1 5  ? 8.399   2.338   -1.216  1.00 0.00 ? 5  A A "O3'"  1 
ATOM 143 C "C2'"  . A A 1 5  ? 6.322   3.176   -0.148  1.00 0.00 ? 5  A A "C2'"  1 
ATOM 144 O "O2'"  . A A 1 5  ? 7.137   3.577   0.943   1.00 0.00 ? 5  A A "O2'"  1 
ATOM 145 C "C1'"  . A A 1 5  ? 5.419   4.348   -0.547  1.00 0.00 ? 5  A A "C1'"  1 
ATOM 146 N N9     . A A 1 5  ? 4.097   3.888   -1.025  1.00 0.00 ? 5  A A N9     1 
ATOM 147 C C8     . A A 1 5  ? 3.741   3.439   -2.273  1.00 0.00 ? 5  A A C8     1 
ATOM 148 N N7     . A A 1 5  ? 2.479   3.137   -2.394  1.00 0.00 ? 5  A A N7     1 
ATOM 149 C C5     . A A 1 5  ? 1.959   3.381   -1.123  1.00 0.00 ? 5  A A C5     1 
ATOM 150 C C6     . A A 1 5  ? 0.668   3.269   -0.551  1.00 0.00 ? 5  A A C6     1 
ATOM 151 N N6     . A A 1 5  ? -0.412  2.878   -1.223  1.00 0.00 ? 5  A A N6     1 
ATOM 152 N N1     . A A 1 5  ? 0.490   3.568   0.745   1.00 0.00 ? 5  A A N1     1 
ATOM 153 C C2     . A A 1 5  ? 1.539   3.985   1.449   1.00 0.00 ? 5  A A C2     1 
ATOM 154 N N3     . A A 1 5  ? 2.798   4.153   1.042   1.00 0.00 ? 5  A A N3     1 
ATOM 155 C C4     . A A 1 5  ? 2.945   3.823   -0.275  1.00 0.00 ? 5  A A C4     1 
ATOM 156 H "H5'"  . A A 1 5  ? 7.743   5.656   -3.565  1.00 0.00 ? 5  A A "H5'"  1 
ATOM 157 H "H5''" . A A 1 5  ? 8.727   4.188   -3.455  1.00 0.00 ? 5  A A "H5''" 1 
ATOM 158 H "H4'"  . A A 1 5  ? 8.073   4.874   -1.251  1.00 0.00 ? 5  A A "H4'"  1 
ATOM 159 H "H3'"  . A A 1 5  ? 6.552   2.412   -2.153  1.00 0.00 ? 5  A A "H3'"  1 
ATOM 160 H "H2'"  . A A 1 5  ? 5.748   2.285   0.109   1.00 0.00 ? 5  A A "H2'"  1 
ATOM 161 H "HO2'" . A A 1 5  ? 7.800   2.889   1.082   1.00 0.00 ? 5  A A "HO2'" 1 
ATOM 162 H "H1'"  . A A 1 5  ? 5.271   5.005   0.310   1.00 0.00 ? 5  A A "H1'"  1 
ATOM 163 H H8     . A A 1 5  ? 4.450   3.356   -3.085  1.00 0.00 ? 5  A A H8     1 
ATOM 164 H H61    . A A 1 5  ? -1.289  2.831   -0.729  1.00 0.00 ? 5  A A H61    1 
ATOM 165 H H62    . A A 1 5  ? -0.332  2.653   -2.203  1.00 0.00 ? 5  A A H62    1 
ATOM 166 H H2     . A A 1 5  ? 1.331   4.226   2.479   1.00 0.00 ? 5  A A H2     1 
ATOM 167 P P      . A A 1 6  ? 8.522   0.824   -0.673  1.00 0.00 ? 6  A A P      1 
ATOM 168 O OP1    . A A 1 6  ? 9.767   0.238   -1.215  1.00 0.00 ? 6  A A OP1    1 
ATOM 169 O OP2    . A A 1 6  ? 7.227   0.140   -0.872  1.00 0.00 ? 6  A A OP2    1 
ATOM 170 O "O5'"  . A A 1 6  ? 8.719   1.078   0.907   1.00 0.00 ? 6  A A "O5'"  1 
ATOM 171 C "C5'"  . A A 1 6  ? 9.932   1.604   1.413   1.00 0.00 ? 6  A A "C5'"  1 
ATOM 172 C "C4'"  . A A 1 6  ? 9.886   1.736   2.937   1.00 0.00 ? 6  A A "C4'"  1 
ATOM 173 O "O4'"  . A A 1 6  ? 8.783   2.525   3.359   1.00 0.00 ? 6  A A "O4'"  1 
ATOM 174 C "C3'"  . A A 1 6  ? 9.786   0.396   3.668   1.00 0.00 ? 6  A A "C3'"  1 
ATOM 175 O "O3'"  . A A 1 6  ? 11.057  -0.210  3.839   1.00 0.00 ? 6  A A "O3'"  1 
ATOM 176 C "C2'"  . A A 1 6  ? 9.208   0.865   5.004   1.00 0.00 ? 6  A A "C2'"  1 
ATOM 177 O "O2'"  . A A 1 6  ? 10.222  1.367   5.857   1.00 0.00 ? 6  A A "O2'"  1 
ATOM 178 C "C1'"  . A A 1 6  ? 8.291   2.009   4.588   1.00 0.00 ? 6  A A "C1'"  1 
ATOM 179 N N9     . A A 1 6  ? 6.883   1.568   4.465   1.00 0.00 ? 6  A A N9     1 
ATOM 180 C C8     . A A 1 6  ? 6.133   1.335   3.338   1.00 0.00 ? 6  A A C8     1 
ATOM 181 N N7     . A A 1 6  ? 4.867   1.133   3.576   1.00 0.00 ? 6  A A N7     1 
ATOM 182 C C5     . A A 1 6  ? 4.772   1.199   4.964   1.00 0.00 ? 6  A A C5     1 
ATOM 183 C C6     . A A 1 6  ? 3.700   1.100   5.884   1.00 0.00 ? 6  A A C6     1 
ATOM 184 N N6     . A A 1 6  ? 2.426   0.960   5.529   1.00 0.00 ? 6  A A N6     1 
ATOM 185 N N1     . A A 1 6  ? 3.951   1.188   7.202   1.00 0.00 ? 6  A A N1     1 
ATOM 186 C C2     . A A 1 6  ? 5.206   1.386   7.596   1.00 0.00 ? 6  A A C2     1 
ATOM 187 N N3     . A A 1 6  ? 6.296   1.526   6.845   1.00 0.00 ? 6  A A N3     1 
ATOM 188 C C4     . A A 1 6  ? 6.008   1.423   5.516   1.00 0.00 ? 6  A A C4     1 
ATOM 189 H "H5'"  . A A 1 6  ? 10.107  2.588   0.977   1.00 0.00 ? 6  A A "H5'"  1 
ATOM 190 H "H5''" . A A 1 6  ? 10.758  0.946   1.140   1.00 0.00 ? 6  A A "H5''" 1 
ATOM 191 H "H4'"  . A A 1 6  ? 10.801  2.229   3.269   1.00 0.00 ? 6  A A "H4'"  1 
ATOM 192 H "H3'"  . A A 1 6  ? 9.084   -0.263  3.156   1.00 0.00 ? 6  A A "H3'"  1 
ATOM 193 H "H2'"  . A A 1 6  ? 8.661   0.073   5.509   1.00 0.00 ? 6  A A "H2'"  1 
ATOM 194 H "HO2'" . A A 1 6  ? 10.944  0.730   5.838   1.00 0.00 ? 6  A A "HO2'" 1 
ATOM 195 H "H1'"  . A A 1 6  ? 8.328   2.782   5.353   1.00 0.00 ? 6  A A "H1'"  1 
ATOM 196 H H8     . A A 1 6  ? 6.545   1.351   2.340   1.00 0.00 ? 6  A A H8     1 
ATOM 197 H H61    . A A 1 6  ? 1.713   0.986   6.244   1.00 0.00 ? 6  A A H61    1 
ATOM 198 H H62    . A A 1 6  ? 2.180   0.907   4.547   1.00 0.00 ? 6  A A H62    1 
ATOM 199 H H2     . A A 1 6  ? 5.360   1.455   8.663   1.00 0.00 ? 6  A A H2     1 
ATOM 200 P P      . G A 1 7  ? 11.230  -1.767  4.230   1.00 0.00 ? 7  G A P      1 
ATOM 201 O OP1    . G A 1 7  ? 12.521  -1.899  4.938   1.00 0.00 ? 7  G A OP1    1 
ATOM 202 O OP2    . G A 1 7  ? 10.969  -2.571  3.017   1.00 0.00 ? 7  G A OP2    1 
ATOM 203 O "O5'"  . G A 1 7  ? 10.051  -2.036  5.303   1.00 0.00 ? 7  G A "O5'"  1 
ATOM 204 C "C5'"  . G A 1 7  ? 8.978   -2.916  5.022   1.00 0.00 ? 7  G A "C5'"  1 
ATOM 205 C "C4'"  . G A 1 7  ? 7.874   -2.764  6.073   1.00 0.00 ? 7  G A "C4'"  1 
ATOM 206 O "O4'"  . G A 1 7  ? 6.997   -1.684  5.757   1.00 0.00 ? 7  G A "O4'"  1 
ATOM 207 C "C3'"  . G A 1 7  ? 6.995   -4.011  6.142   1.00 0.00 ? 7  G A "C3'"  1 
ATOM 208 O "O3'"  . G A 1 7  ? 7.522   -5.027  6.982   1.00 0.00 ? 7  G A "O3'"  1 
ATOM 209 C "C2'"  . G A 1 7  ? 5.709   -3.417  6.699   1.00 0.00 ? 7  G A "C2'"  1 
ATOM 210 O "O2'"  . G A 1 7  ? 5.773   -3.233  8.101   1.00 0.00 ? 7  G A "O2'"  1 
ATOM 211 C "C1'"  . G A 1 7  ? 5.651   -2.052  6.039   1.00 0.00 ? 7  G A "C1'"  1 
ATOM 212 N N9     . G A 1 7  ? 4.844   -2.170  4.805   1.00 0.00 ? 7  G A N9     1 
ATOM 213 C C8     . G A 1 7  ? 5.282   -2.350  3.525   1.00 0.00 ? 7  G A C8     1 
ATOM 214 N N7     . G A 1 7  ? 4.338   -2.552  2.651   1.00 0.00 ? 7  G A N7     1 
ATOM 215 C C5     . G A 1 7  ? 3.170   -2.531  3.413   1.00 0.00 ? 7  G A C5     1 
ATOM 216 C C6     . G A 1 7  ? 1.800   -2.740  3.040   1.00 0.00 ? 7  G A C6     1 
ATOM 217 O O6     . G A 1 7  ? 1.317   -2.963  1.932   1.00 0.00 ? 7  G A O6     1 
ATOM 218 N N1     . G A 1 7  ? 0.937   -2.674  4.124   1.00 0.00 ? 7  G A N1     1 
ATOM 219 C C2     . G A 1 7  ? 1.331   -2.450  5.419   1.00 0.00 ? 7  G A C2     1 
ATOM 220 N N2     . G A 1 7  ? 0.373   -2.429  6.338   1.00 0.00 ? 7  G A N2     1 
ATOM 221 N N3     . G A 1 7  ? 2.603   -2.260  5.789   1.00 0.00 ? 7  G A N3     1 
ATOM 222 C C4     . G A 1 7  ? 3.476   -2.304  4.740   1.00 0.00 ? 7  G A C4     1 
ATOM 223 H "H5'"  . G A 1 7  ? 9.359   -3.939  5.037   1.00 0.00 ? 7  G A "H5'"  1 
ATOM 224 H "H5''" . G A 1 7  ? 8.564   -2.707  4.034   1.00 0.00 ? 7  G A "H5''" 1 
ATOM 225 H "H4'"  . G A 1 7  ? 8.318   -2.596  7.055   1.00 0.00 ? 7  G A "H4'"  1 
ATOM 226 H "H3'"  . G A 1 7  ? 6.821   -4.384  5.130   1.00 0.00 ? 7  G A "H3'"  1 
ATOM 227 H "H2'"  . G A 1 7  ? 4.858   -4.022  6.402   1.00 0.00 ? 7  G A "H2'"  1 
ATOM 228 H "HO2'" . G A 1 7  ? 6.181   -4.024  8.464   1.00 0.00 ? 7  G A "HO2'" 1 
ATOM 229 H "H1'"  . G A 1 7  ? 5.182   -1.333  6.712   1.00 0.00 ? 7  G A "H1'"  1 
ATOM 230 H H8     . G A 1 7  ? 6.335   -2.342  3.303   1.00 0.00 ? 7  G A H8     1 
ATOM 231 H H1     . G A 1 7  ? -0.037  -2.848  3.925   1.00 0.00 ? 7  G A H1     1 
ATOM 232 H H21    . G A 1 7  ? -0.589  -2.589  6.083   1.00 0.00 ? 7  G A H21    1 
ATOM 233 H H22    . G A 1 7  ? 0.643   -2.248  7.291   1.00 0.00 ? 7  G A H22    1 
ATOM 234 P P      . G A 1 8  ? 7.025   -6.562  6.871   1.00 0.00 ? 8  G A P      1 
ATOM 235 O OP1    . G A 1 8  ? 7.819   -7.360  7.830   1.00 0.00 ? 8  G A OP1    1 
ATOM 236 O OP2    . G A 1 8  ? 7.008   -6.933  5.440   1.00 0.00 ? 8  G A OP2    1 
ATOM 237 O "O5'"  . G A 1 8  ? 5.500   -6.512  7.392   1.00 0.00 ? 8  G A "O5'"  1 
ATOM 238 C "C5'"  . G A 1 8  ? 5.188   -6.401  8.769   1.00 0.00 ? 8  G A "C5'"  1 
ATOM 239 C "C4'"  . G A 1 8  ? 3.687   -6.168  8.976   1.00 0.00 ? 8  G A "C4'"  1 
ATOM 240 O "O4'"  . G A 1 8  ? 3.157   -5.178  8.101   1.00 0.00 ? 8  G A "O4'"  1 
ATOM 241 C "C3'"  . G A 1 8  ? 2.856   -7.432  8.774   1.00 0.00 ? 8  G A "C3'"  1 
ATOM 242 O "O3'"  . G A 1 8  ? 2.833   -8.231  9.949   1.00 0.00 ? 8  G A "O3'"  1 
ATOM 243 C "C2'"  . G A 1 8  ? 1.490   -6.820  8.480   1.00 0.00 ? 8  G A "C2'"  1 
ATOM 244 O "O2'"  . G A 1 8  ? 0.839   -6.429  9.676   1.00 0.00 ? 8  G A "O2'"  1 
ATOM 245 C "C1'"  . G A 1 8  ? 1.850   -5.562  7.688   1.00 0.00 ? 8  G A "C1'"  1 
ATOM 246 N N9     . G A 1 8  ? 1.783   -5.813  6.226   1.00 0.00 ? 8  G A N9     1 
ATOM 247 C C8     . G A 1 8  ? 2.795   -5.886  5.302   1.00 0.00 ? 8  G A C8     1 
ATOM 248 N N7     . G A 1 8  ? 2.389   -6.092  4.079   1.00 0.00 ? 8  G A N7     1 
ATOM 249 C C5     . G A 1 8  ? 1.003   -6.187  4.193   1.00 0.00 ? 8  G A C5     1 
ATOM 250 C C6     . G A 1 8  ? -0.009  -6.434  3.203   1.00 0.00 ? 8  G A C6     1 
ATOM 251 O O6     . G A 1 8  ? 0.105   -6.580  1.989   1.00 0.00 ? 8  G A O6     1 
ATOM 252 N N1     . G A 1 8  ? -1.280  -6.533  3.751   1.00 0.00 ? 8  G A N1     1 
ATOM 253 C C2     . G A 1 8  ? -1.566  -6.341  5.079   1.00 0.00 ? 8  G A C2     1 
ATOM 254 N N2     . G A 1 8  ? -2.836  -6.492  5.439   1.00 0.00 ? 8  G A N2     1 
ATOM 255 N N3     . G A 1 8  ? -0.644  -6.067  6.010   1.00 0.00 ? 8  G A N3     1 
ATOM 256 C C4     . G A 1 8  ? 0.626   -6.019  5.508   1.00 0.00 ? 8  G A C4     1 
ATOM 257 H "H5'"  . G A 1 8  ? 5.735   -5.565  9.201   1.00 0.00 ? 8  G A "H5'"  1 
ATOM 258 H "H5''" . G A 1 8  ? 5.490   -7.312  9.287   1.00 0.00 ? 8  G A "H5''" 1 
ATOM 259 H "H4'"  . G A 1 8  ? 3.530   -5.831  10.002  1.00 0.00 ? 8  G A "H4'"  1 
ATOM 260 H "H3'"  . G A 1 8  ? 3.223   -7.983  7.905   1.00 0.00 ? 8  G A "H3'"  1 
ATOM 261 H "H2'"  . G A 1 8  ? 0.859   -7.503  7.913   1.00 0.00 ? 8  G A "H2'"  1 
ATOM 262 H "HO2'" . G A 1 8  ? 1.051   -7.098  10.335  1.00 0.00 ? 8  G A "HO2'" 1 
ATOM 263 H "H1'"  . G A 1 8  ? 1.137   -4.774  7.930   1.00 0.00 ? 8  G A "H1'"  1 
ATOM 264 H H8     . G A 1 8  ? 3.839   -5.778  5.558   1.00 0.00 ? 8  G A H8     1 
ATOM 265 H H1     . G A 1 8  ? -2.032  -6.769  3.120   1.00 0.00 ? 8  G A H1     1 
ATOM 266 H H21    . G A 1 8  ? -3.529  -6.769  4.759   1.00 0.00 ? 8  G A H21    1 
ATOM 267 H H22    . G A 1 8  ? -3.070  -6.357  6.408   1.00 0.00 ? 8  G A H22    1 
ATOM 268 P P      . C A 1 9  ? 2.592   -9.824  9.895   1.00 0.00 ? 9  C A P      1 
ATOM 269 O OP1    . C A 1 9  ? 2.612   -10.329 11.285  1.00 0.00 ? 9  C A OP1    1 
ATOM 270 O OP2    . C A 1 9  ? 3.514   -10.391 8.889   1.00 0.00 ? 9  C A OP2    1 
ATOM 271 O "O5'"  . C A 1 9  ? 1.091   -9.957  9.325   1.00 0.00 ? 9  C A "O5'"  1 
ATOM 272 C "C5'"  . C A 1 9  ? -0.046  -9.747  10.139  1.00 0.00 ? 9  C A "C5'"  1 
ATOM 273 C "C4'"  . C A 1 9  ? -1.328  -9.839  9.303   1.00 0.00 ? 9  C A "C4'"  1 
ATOM 274 O "O4'"  . C A 1 9  ? -1.331  -8.917  8.220   1.00 0.00 ? 9  C A "O4'"  1 
ATOM 275 C "C3'"  . C A 1 9  ? -1.556  -11.222 8.695   1.00 0.00 ? 9  C A "C3'"  1 
ATOM 276 O "O3'"  . C A 1 9  ? -2.131  -12.129 9.624   1.00 0.00 ? 9  C A "O3'"  1 
ATOM 277 C "C2'"  . C A 1 9  ? -2.514  -10.865 7.561   1.00 0.00 ? 9  C A "C2'"  1 
ATOM 278 O "O2'"  . C A 1 9  ? -3.838  -10.704 8.035   1.00 0.00 ? 9  C A "O2'"  1 
ATOM 279 C "C1'"  . C A 1 9  ? -1.989  -9.505  7.102   1.00 0.00 ? 9  C A "C1'"  1 
ATOM 280 N N1     . C A 1 9  ? -1.103  -9.642  5.906   1.00 0.00 ? 9  C A N1     1 
ATOM 281 C C2     . C A 1 9  ? -1.712  -9.736  4.648   1.00 0.00 ? 9  C A C2     1 
ATOM 282 O O2     . C A 1 9  ? -2.936  -9.754  4.528   1.00 0.00 ? 9  C A O2     1 
ATOM 283 N N3     . C A 1 9  ? -0.936  -9.793  3.532   1.00 0.00 ? 9  C A N3     1 
ATOM 284 C C4     . C A 1 9  ? 0.394   -9.781  3.629   1.00 0.00 ? 9  C A C4     1 
ATOM 285 N N4     . C A 1 9  ? 1.096   -9.804  2.504   1.00 0.00 ? 9  C A N4     1 
ATOM 286 C C5     . C A 1 9  ? 1.054   -9.711  4.899   1.00 0.00 ? 9  C A C5     1 
ATOM 287 C C6     . C A 1 9  ? 0.271   -9.650  6.005   1.00 0.00 ? 9  C A C6     1 
ATOM 288 H "H5'"  . C A 1 9  ? 0.007   -8.762  10.599  1.00 0.00 ? 9  C A "H5'"  1 
ATOM 289 H "H5''" . C A 1 9  ? -0.076  -10.502 10.925  1.00 0.00 ? 9  C A "H5''" 1 
ATOM 290 H "H4'"  . C A 1 9  ? -2.179  -9.610  9.946   1.00 0.00 ? 9  C A "H4'"  1 
ATOM 291 H "H3'"  . C A 1 9  ? -0.618  -11.602 8.285   1.00 0.00 ? 9  C A "H3'"  1 
ATOM 292 H "H2'"  . C A 1 9  ? -2.488  -11.605 6.766   1.00 0.00 ? 9  C A "H2'"  1 
ATOM 293 H "HO2'" . C A 1 9  ? -4.018  -11.452 8.613   1.00 0.00 ? 9  C A "HO2'" 1 
ATOM 294 H "H1'"  . C A 1 9  ? -2.843  -8.882  6.828   1.00 0.00 ? 9  C A "H1'"  1 
ATOM 295 H H41    . C A 1 9  ? 0.597   -9.808  1.621   1.00 0.00 ? 9  C A H41    1 
ATOM 296 H H42    . C A 1 9  ? 2.099   -9.758  2.534   1.00 0.00 ? 9  C A H42    1 
ATOM 297 H H5     . C A 1 9  ? 2.129   -9.702  5.005   1.00 0.00 ? 9  C A H5     1 
ATOM 298 H H6     . C A 1 9  ? 0.744   -9.596  6.972   1.00 0.00 ? 9  C A H6     1 
ATOM 299 P P      . G A 1 10 ? -2.049  -13.727 9.416   1.00 0.00 ? 10 G A P      1 
ATOM 300 O OP1    . G A 1 10 ? -2.629  -14.366 10.617  1.00 0.00 ? 10 G A OP1    1 
ATOM 301 O OP2    . G A 1 10 ? -0.675  -14.068 8.989   1.00 0.00 ? 10 G A OP2    1 
ATOM 302 O "O5'"  . G A 1 10 ? -3.035  -13.998 8.169   1.00 0.00 ? 10 G A "O5'"  1 
ATOM 303 C "C5'"  . G A 1 10 ? -4.438  -14.087 8.330   1.00 0.00 ? 10 G A "C5'"  1 
ATOM 304 C "C4'"  . G A 1 10 ? -5.119  -14.384 6.990   1.00 0.00 ? 10 G A "C4'"  1 
ATOM 305 O "O4'"  . G A 1 10 ? -4.815  -13.401 6.008   1.00 0.00 ? 10 G A "O4'"  1 
ATOM 306 C "C3'"  . G A 1 10 ? -4.724  -15.740 6.403   1.00 0.00 ? 10 G A "C3'"  1 
ATOM 307 O "O3'"  . G A 1 10 ? -5.495  -16.799 6.955   1.00 0.00 ? 10 G A "O3'"  1 
ATOM 308 C "C2'"  . G A 1 10 ? -5.037  -15.508 4.928   1.00 0.00 ? 10 G A "C2'"  1 
ATOM 309 O "O2'"  . G A 1 10 ? -6.420  -15.674 4.672   1.00 0.00 ? 10 G A "O2'"  1 
ATOM 310 C "C1'"  . G A 1 10 ? -4.686  -14.033 4.739   1.00 0.00 ? 10 G A "C1'"  1 
ATOM 311 N N9     . G A 1 10 ? -3.320  -13.851 4.191   1.00 0.00 ? 10 G A N9     1 
ATOM 312 C C8     . G A 1 10 ? -2.153  -13.533 4.839   1.00 0.00 ? 10 G A C8     1 
ATOM 313 N N7     . G A 1 10 ? -1.156  -13.260 4.044   1.00 0.00 ? 10 G A N7     1 
ATOM 314 C C5     . G A 1 10 ? -1.678  -13.470 2.769   1.00 0.00 ? 10 G A C5     1 
ATOM 315 C C6     . G A 1 10 ? -1.073  -13.336 1.475   1.00 0.00 ? 10 G A C6     1 
ATOM 316 O O6     . G A 1 10 ? 0.051   -12.932 1.184   1.00 0.00 ? 10 G A O6     1 
ATOM 317 N N1     . G A 1 10 ? -1.916  -13.733 0.445   1.00 0.00 ? 10 G A N1     1 
ATOM 318 C C2     . G A 1 10 ? -3.208  -14.168 0.627   1.00 0.00 ? 10 G A C2     1 
ATOM 319 N N2     . G A 1 10 ? -3.871  -14.549 -0.456  1.00 0.00 ? 10 G A N2     1 
ATOM 320 N N3     . G A 1 10 ? -3.808  -14.244 1.824   1.00 0.00 ? 10 G A N3     1 
ATOM 321 C C4     . G A 1 10 ? -2.988  -13.889 2.857   1.00 0.00 ? 10 G A C4     1 
ATOM 322 H "H5'"  . G A 1 10 ? -4.825  -13.150 8.729   1.00 0.00 ? 10 G A "H5'"  1 
ATOM 323 H "H5''" . G A 1 10 ? -4.673  -14.890 9.030   1.00 0.00 ? 10 G A "H5''" 1 
ATOM 324 H "H4'"  . G A 1 10 ? -6.199  -14.386 7.142   1.00 0.00 ? 10 G A "H4'"  1 
ATOM 325 H "H3'"  . G A 1 10 ? -3.653  -15.904 6.538   1.00 0.00 ? 10 G A "H3'"  1 
ATOM 326 H "H2'"  . G A 1 10 ? -4.452  -16.158 4.281   1.00 0.00 ? 10 G A "H2'"  1 
ATOM 327 H "HO2'" . G A 1 10 ? -6.713  -16.413 5.214   1.00 0.00 ? 10 G A "HO2'" 1 
ATOM 328 H "H1'"  . G A 1 10 ? -5.393  -13.592 4.037   1.00 0.00 ? 10 G A "H1'"  1 
ATOM 329 H H8     . G A 1 10 ? -2.073  -13.482 5.915   1.00 0.00 ? 10 G A H8     1 
ATOM 330 H H1     . G A 1 10 ? -1.533  -13.703 -0.490  1.00 0.00 ? 10 G A H1     1 
ATOM 331 H H21    . G A 1 10 ? -3.408  -14.566 -1.362  1.00 0.00 ? 10 G A H21    1 
ATOM 332 H H22    . G A 1 10 ? -4.814  -14.879 -0.344  1.00 0.00 ? 10 G A H22    1 
ATOM 333 P P      . A A 1 11 ? -4.988  -18.330 6.924   1.00 0.00 ? 11 A A P      1 
ATOM 334 O OP1    . A A 1 11 ? -6.017  -19.169 7.577   1.00 0.00 ? 11 A A OP1    1 
ATOM 335 O OP2    . A A 1 11 ? -3.591  -18.371 7.401   1.00 0.00 ? 11 A A OP2    1 
ATOM 336 O "O5'"  . A A 1 11 ? -4.975  -18.688 5.355   1.00 0.00 ? 11 A A "O5'"  1 
ATOM 337 C "C5'"  . A A 1 11 ? -6.143  -19.085 4.663   1.00 0.00 ? 11 A A "C5'"  1 
ATOM 338 C "C4'"  . A A 1 11 ? -5.804  -19.359 3.195   1.00 0.00 ? 11 A A "C4'"  1 
ATOM 339 O "O4'"  . A A 1 11 ? -5.350  -18.183 2.540   1.00 0.00 ? 11 A A "O4'"  1 
ATOM 340 C "C3'"  . A A 1 11 ? -4.694  -20.397 3.010   1.00 0.00 ? 11 A A "C3'"  1 
ATOM 341 O "O3'"  . A A 1 11 ? -5.139  -21.737 3.135   1.00 0.00 ? 11 A A "O3'"  1 
ATOM 342 C "C2'"  . A A 1 11 ? -4.232  -20.065 1.595   1.00 0.00 ? 11 A A "C2'"  1 
ATOM 343 O "O2'"  . A A 1 11 ? -5.097  -20.629 0.625   1.00 0.00 ? 11 A A "O2'"  1 
ATOM 344 C "C1'"  . A A 1 11 ? -4.369  -18.541 1.575   1.00 0.00 ? 11 A A "C1'"  1 
ATOM 345 N N9     . A A 1 11 ? -3.078  -17.890 1.902   1.00 0.00 ? 11 A A N9     1 
ATOM 346 C C8     . A A 1 11 ? -2.511  -17.635 3.129   1.00 0.00 ? 11 A A C8     1 
ATOM 347 N N7     . A A 1 11 ? -1.334  -17.076 3.069   1.00 0.00 ? 11 A A N7     1 
ATOM 348 C C5     . A A 1 11 ? -1.090  -16.970 1.701   1.00 0.00 ? 11 A A C5     1 
ATOM 349 C C6     . A A 1 11 ? -0.011  -16.470 0.934   1.00 0.00 ? 11 A A C6     1 
ATOM 350 N N6     . A A 1 11 ? 1.080   -15.919 1.462   1.00 0.00 ? 11 A A N6     1 
ATOM 351 N N1     . A A 1 11 ? -0.075  -16.532 -0.407  1.00 0.00 ? 11 A A N1     1 
ATOM 352 C C2     . A A 1 11 ? -1.161  -17.054 -0.972  1.00 0.00 ? 11 A A C2     1 
ATOM 353 N N3     . A A 1 11 ? -2.242  -17.551 -0.375  1.00 0.00 ? 11 A A N3     1 
ATOM 354 C C4     . A A 1 11 ? -2.145  -17.474 0.982   1.00 0.00 ? 11 A A C4     1 
ATOM 355 H "H5'"  . A A 1 11 ? -6.899  -18.303 4.720   1.00 0.00 ? 11 A A "H5'"  1 
ATOM 356 H "H5''" . A A 1 11 ? -6.541  -19.994 5.114   1.00 0.00 ? 11 A A "H5''" 1 
ATOM 357 H "H4'"  . A A 1 11 ? -6.700  -19.710 2.683   1.00 0.00 ? 11 A A "H4'"  1 
ATOM 358 H "H3'"  . A A 1 11 ? -3.874  -20.207 3.703   1.00 0.00 ? 11 A A "H3'"  1 
ATOM 359 H "HO3'" . A A 1 11 ? -5.327  -21.907 4.062   1.00 0.00 ? 11 A A "HO3'" 1 
ATOM 360 H "H2'"  . A A 1 11 ? -3.204  -20.390 1.423   1.00 0.00 ? 11 A A "H2'"  1 
ATOM 361 H "HO2'" . A A 1 11 ? -5.313  -21.517 0.927   1.00 0.00 ? 11 A A "HO2'" 1 
ATOM 362 H "H1'"  . A A 1 11 ? -4.685  -18.217 0.582   1.00 0.00 ? 11 A A "H1'"  1 
ATOM 363 H H8     . A A 1 11 ? -2.995  -17.869 4.065   1.00 0.00 ? 11 A A H8     1 
ATOM 364 H H61    . A A 1 11 ? 1.761   -15.492 0.845   1.00 0.00 ? 11 A A H61    1 
ATOM 365 H H62    . A A 1 11 ? 1.139   -15.805 2.462   1.00 0.00 ? 11 A A H62    1 
ATOM 366 H H2     . A A 1 11 ? -1.164  -17.082 -2.052  1.00 0.00 ? 11 A A H2     1 
ATOM 367 O "O5'"  . U B 2 1  B 5.149   -12.838 -6.965  1.00 0.00 ? 11 U B "O5'"  1 
ATOM 368 C "C5'"  . U B 2 1  B 5.470   -14.029 -7.663  1.00 0.00 ? 11 U B "C5'"  1 
ATOM 369 C "C4'"  . U B 2 1  B 4.454   -15.160 -7.426  1.00 0.00 ? 11 U B "C4'"  1 
ATOM 370 O "O4'"  . U B 2 1  B 4.665   -15.862 -6.212  1.00 0.00 ? 11 U B "O4'"  1 
ATOM 371 C "C3'"  . U B 2 1  B 3.007   -14.681 -7.372  1.00 0.00 ? 11 U B "C3'"  1 
ATOM 372 O "O3'"  . U B 2 1  B 2.525   -14.397 -8.668  1.00 0.00 ? 11 U B "O3'"  1 
ATOM 373 C "C2'"  . U B 2 1  B 2.328   -15.864 -6.703  1.00 0.00 ? 11 U B "C2'"  1 
ATOM 374 O "O2'"  . U B 2 1  B 2.109   -16.919 -7.620  1.00 0.00 ? 11 U B "O2'"  1 
ATOM 375 C "C1'"  . U B 2 1  B 3.400   -16.265 -5.683  1.00 0.00 ? 11 U B "C1'"  1 
ATOM 376 N N1     . U B 2 1  B 3.170   -15.655 -4.338  1.00 0.00 ? 11 U B N1     1 
ATOM 377 C C2     . U B 2 1  B 2.213   -16.253 -3.509  1.00 0.00 ? 11 U B C2     1 
ATOM 378 O O2     . U B 2 1  B 1.443   -17.132 -3.891  1.00 0.00 ? 11 U B O2     1 
ATOM 379 N N3     . U B 2 1  B 2.167   -15.815 -2.194  1.00 0.00 ? 11 U B N3     1 
ATOM 380 C C4     . U B 2 1  B 2.987   -14.855 -1.629  1.00 0.00 ? 11 U B C4     1 
ATOM 381 O O4     . U B 2 1  B 2.911   -14.611 -0.429  1.00 0.00 ? 11 U B O4     1 
ATOM 382 C C5     . U B 2 1  B 3.887   -14.219 -2.569  1.00 0.00 ? 11 U B C5     1 
ATOM 383 C C6     . U B 2 1  B 3.952   -14.617 -3.866  1.00 0.00 ? 11 U B C6     1 
ATOM 384 H "H5'"  . U B 2 1  B 6.461   -14.371 -7.364  1.00 0.00 ? 11 U B "H5'"  1 
ATOM 385 H "H5''" . U B 2 1  B 5.490   -13.801 -8.729  1.00 0.00 ? 11 U B "H5''" 1 
ATOM 386 H "H4'"  . U B 2 1  B 4.548   -15.878 -8.241  1.00 0.00 ? 11 U B "H4'"  1 
ATOM 387 H "H3'"  . U B 2 1  B 2.909   -13.826 -6.701  1.00 0.00 ? 11 U B "H3'"  1 
ATOM 388 H "H2'"  . U B 2 1  B 1.393   -15.571 -6.225  1.00 0.00 ? 11 U B "H2'"  1 
ATOM 389 H "HO2'" . U B 2 1  B 1.713   -16.533 -8.409  1.00 0.00 ? 11 U B "HO2'" 1 
ATOM 390 H "H1'"  . U B 2 1  B 3.382   -17.350 -5.575  1.00 0.00 ? 11 U B "H1'"  1 
ATOM 391 H H3     . U B 2 1  B 1.465   -16.222 -1.591  1.00 0.00 ? 11 U B H3     1 
ATOM 392 H H5     . U B 2 1  B 4.525   -13.423 -2.215  1.00 0.00 ? 11 U B H5     1 
ATOM 393 H H6     . U B 2 1  B 4.652   -14.122 -4.526  1.00 0.00 ? 11 U B H6     1 
ATOM 394 H "HO5'" . U B 2 1  B 4.372   -12.431 -7.391  1.00 0.00 ? 11 U B "HO5'" 1 
ATOM 395 P P      . C B 2 2  ? 1.978   -12.930 -9.023  1.00 0.00 ? 12 C B P      1 
ATOM 396 O OP1    . C B 2 2  ? 1.796   -12.843 -10.487 1.00 0.00 ? 12 C B OP1    1 
ATOM 397 O OP2    . C B 2 2  ? 2.838   -11.955 -8.312  1.00 0.00 ? 12 C B OP2    1 
ATOM 398 O "O5'"  . C B 2 2  ? 0.537   -13.003 -8.311  1.00 0.00 ? 12 C B "O5'"  1 
ATOM 399 C "C5'"  . C B 2 2  ? -0.504  -13.781 -8.875  1.00 0.00 ? 12 C B "C5'"  1 
ATOM 400 C "C4'"  . C B 2 2  ? -1.571  -14.147 -7.840  1.00 0.00 ? 12 C B "C4'"  1 
ATOM 401 O "O4'"  . C B 2 2  ? -1.021  -14.898 -6.762  1.00 0.00 ? 12 C B "O4'"  1 
ATOM 402 C "C3'"  . C B 2 2  ? -2.278  -12.950 -7.210  1.00 0.00 ? 12 C B "C3'"  1 
ATOM 403 O "O3'"  . C B 2 2  ? -3.285  -12.399 -8.043  1.00 0.00 ? 12 C B "O3'"  1 
ATOM 404 C "C2'"  . C B 2 2  ? -2.857  -13.626 -5.969  1.00 0.00 ? 12 C B "C2'"  1 
ATOM 405 O "O2'"  . C B 2 2  ? -4.022  -14.370 -6.275  1.00 0.00 ? 12 C B "O2'"  1 
ATOM 406 C "C1'"  . C B 2 2  ? -1.743  -14.597 -5.573  1.00 0.00 ? 12 C B "C1'"  1 
ATOM 407 N N1     . C B 2 2  ? -0.887  -13.997 -4.508  1.00 0.00 ? 12 C B N1     1 
ATOM 408 C C2     . C B 2 2  ? -1.309  -14.125 -3.178  1.00 0.00 ? 12 C B C2     1 
ATOM 409 O O2     . C B 2 2  ? -2.316  -14.766 -2.882  1.00 0.00 ? 12 C B O2     1 
ATOM 410 N N3     . C B 2 2  ? -0.603  -13.511 -2.192  1.00 0.00 ? 12 C B N3     1 
ATOM 411 C C4     . C B 2 2  ? 0.461   -12.764 -2.484  1.00 0.00 ? 12 C B C4     1 
ATOM 412 N N4     . C B 2 2  ? 1.090   -12.172 -1.479  1.00 0.00 ? 12 C B N4     1 
ATOM 413 C C5     . C B 2 2  ? 0.923   -12.607 -3.832  1.00 0.00 ? 12 C B C5     1 
ATOM 414 C C6     . C B 2 2  ? 0.223   -13.238 -4.807  1.00 0.00 ? 12 C B C6     1 
ATOM 415 H "H5'"  . C B 2 2  ? -0.091  -14.707 -9.273  1.00 0.00 ? 12 C B "H5'"  1 
ATOM 416 H "H5''" . C B 2 2  ? -0.964  -13.225 -9.693  1.00 0.00 ? 12 C B "H5''" 1 
ATOM 417 H "H4'"  . C B 2 2  ? -2.325  -14.762 -8.331  1.00 0.00 ? 12 C B "H4'"  1 
ATOM 418 H "H3'"  . C B 2 2  ? -1.542  -12.199 -6.921  1.00 0.00 ? 12 C B "H3'"  1 
ATOM 419 H "H2'"  . C B 2 2  ? -3.070  -12.904 -5.183  1.00 0.00 ? 12 C B "H2'"  1 
ATOM 420 H "HO2'" . C B 2 2  ? -4.603  -13.788 -6.774  1.00 0.00 ? 12 C B "HO2'" 1 
ATOM 421 H "H1'"  . C B 2 2  ? -2.197  -15.512 -5.190  1.00 0.00 ? 12 C B "H1'"  1 
ATOM 422 H H41    . C B 2 2  ? 0.743   -12.326 -0.538  1.00 0.00 ? 12 C B H41    1 
ATOM 423 H H42    . C B 2 2  ? 1.868   -11.558 -1.650  1.00 0.00 ? 12 C B H42    1 
ATOM 424 H H5     . C B 2 2  ? 1.784   -12.009 -4.091  1.00 0.00 ? 12 C B H5     1 
ATOM 425 H H6     . C B 2 2  ? 0.541   -13.131 -5.834  1.00 0.00 ? 12 C B H6     1 
ATOM 426 P P      . G B 2 3  ? -3.828  -10.893 -7.829  1.00 0.00 ? 13 G B P      1 
ATOM 427 O OP1    . G B 2 3  ? -4.813  -10.617 -8.898  1.00 0.00 ? 13 G B OP1    1 
ATOM 428 O OP2    . G B 2 3  ? -2.659  -10.006 -7.653  1.00 0.00 ? 13 G B OP2    1 
ATOM 429 O "O5'"  . G B 2 3  ? -4.610  -10.975 -6.422  1.00 0.00 ? 13 G B "O5'"  1 
ATOM 430 C "C5'"  . G B 2 3  ? -5.926  -11.487 -6.334  1.00 0.00 ? 13 G B "C5'"  1 
ATOM 431 C "C4'"  . G B 2 3  ? -6.356  -11.637 -4.871  1.00 0.00 ? 13 G B "C4'"  1 
ATOM 432 O "O4'"  . G B 2 3  ? -5.406  -12.388 -4.123  1.00 0.00 ? 13 G B "O4'"  1 
ATOM 433 C "C3'"  . G B 2 3  ? -6.543  -10.310 -4.134  1.00 0.00 ? 13 G B "C3'"  1 
ATOM 434 O "O3'"  . G B 2 3  ? -7.815  -9.720  -4.354  1.00 0.00 ? 13 G B "O3'"  1 
ATOM 435 C "C2'"  . G B 2 3  ? -6.412  -10.791 -2.693  1.00 0.00 ? 13 G B "C2'"  1 
ATOM 436 O "O2'"  . G B 2 3  ? -7.610  -11.395 -2.239  1.00 0.00 ? 13 G B "O2'"  1 
ATOM 437 C "C1'"  . G B 2 3  ? -5.335  -11.865 -2.802  1.00 0.00 ? 13 G B "C1'"  1 
ATOM 438 N N9     . G B 2 3  ? -4.009  -11.285 -2.486  1.00 0.00 ? 13 G B N9     1 
ATOM 439 C C8     . G B 2 3  ? -2.996  -10.875 -3.317  1.00 0.00 ? 13 G B C8     1 
ATOM 440 N N7     . G B 2 3  ? -1.941  -10.430 -2.690  1.00 0.00 ? 13 G B N7     1 
ATOM 441 C C5     . G B 2 3  ? -2.291  -10.504 -1.341  1.00 0.00 ? 13 G B C5     1 
ATOM 442 C C6     . G B 2 3  ? -1.570  -10.137 -0.156  1.00 0.00 ? 13 G B C6     1 
ATOM 443 O O6     . G B 2 3  ? -0.423  -9.711  -0.045  1.00 0.00 ? 13 G B O6     1 
ATOM 444 N N1     . G B 2 3  ? -2.324  -10.293 1.001   1.00 0.00 ? 13 G B N1     1 
ATOM 445 C C2     . G B 2 3  ? -3.612  -10.766 1.027   1.00 0.00 ? 13 G B C2     1 
ATOM 446 N N2     . G B 2 3  ? -4.216  -10.822 2.206   1.00 0.00 ? 13 G B N2     1 
ATOM 447 N N3     . G B 2 3  ? -4.285  -11.150 -0.064  1.00 0.00 ? 13 G B N3     1 
ATOM 448 C C4     . G B 2 3  ? -3.572  -10.992 -1.217  1.00 0.00 ? 13 G B C4     1 
ATOM 449 H "H5'"  . G B 2 3  ? -5.968  -12.464 -6.814  1.00 0.00 ? 13 G B "H5'"  1 
ATOM 450 H "H5''" . G B 2 3  ? -6.615  -10.815 -6.846  1.00 0.00 ? 13 G B "H5''" 1 
ATOM 451 H "H4'"  . G B 2 3  ? -7.308  -12.170 -4.845  1.00 0.00 ? 13 G B "H4'"  1 
ATOM 452 H "H3'"  . G B 2 3  ? -5.728  -9.628  -4.385  1.00 0.00 ? 13 G B "H3'"  1 
ATOM 453 H "H2'"  . G B 2 3  ? -6.115  -9.980  -2.032  1.00 0.00 ? 13 G B "H2'"  1 
ATOM 454 H "HO2'" . G B 2 3  ? -8.335  -10.864 -2.583  1.00 0.00 ? 13 G B "HO2'" 1 
ATOM 455 H "H1'"  . G B 2 3  ? -5.545  -12.653 -2.078  1.00 0.00 ? 13 G B "H1'"  1 
ATOM 456 H H8     . G B 2 3  ? -3.056  -10.921 -4.393  1.00 0.00 ? 13 G B H8     1 
ATOM 457 H H1     . G B 2 3  ? -1.878  -10.042 1.873   1.00 0.00 ? 13 G B H1     1 
ATOM 458 H H21    . G B 2 3  ? -3.745  -10.498 3.046   1.00 0.00 ? 13 G B H21    1 
ATOM 459 H H22    . G B 2 3  ? -5.156  -11.181 2.238   1.00 0.00 ? 13 G B H22    1 
ATOM 460 P P      . U B 2 4  ? -8.066  -8.139  -4.129  1.00 0.00 ? 14 U B P      1 
ATOM 461 O OP1    . U B 2 4  ? -9.512  -7.887  -4.315  1.00 0.00 ? 14 U B OP1    1 
ATOM 462 O OP2    . U B 2 4  ? -7.078  -7.406  -4.948  1.00 0.00 ? 14 U B OP2    1 
ATOM 463 O "O5'"  . U B 2 4  ? -7.700  -7.887  -2.576  1.00 0.00 ? 14 U B "O5'"  1 
ATOM 464 C "C5'"  . U B 2 4  ? -8.605  -8.187  -1.529  1.00 0.00 ? 14 U B "C5'"  1 
ATOM 465 C "C4'"  . U B 2 4  ? -7.954  -7.974  -0.156  1.00 0.00 ? 14 U B "C4'"  1 
ATOM 466 O "O4'"  . U B 2 4  ? -6.729  -8.689  -0.020  1.00 0.00 ? 14 U B "O4'"  1 
ATOM 467 C "C3'"  . U B 2 4  ? -7.634  -6.512  0.157   1.00 0.00 ? 14 U B "C3'"  1 
ATOM 468 O "O3'"  . U B 2 4  ? -8.765  -5.789  0.621   1.00 0.00 ? 14 U B "O3'"  1 
ATOM 469 C "C2'"  . U B 2 4  ? -6.591  -6.702  1.254   1.00 0.00 ? 14 U B "C2'"  1 
ATOM 470 O "O2'"  . U B 2 4  ? -7.198  -7.001  2.499   1.00 0.00 ? 14 U B "O2'"  1 
ATOM 471 C "C1'"  . U B 2 4  ? -5.826  -7.937  0.786   1.00 0.00 ? 14 U B "C1'"  1 
ATOM 472 N N1     . U B 2 4  ? -4.569  -7.548  0.080   1.00 0.00 ? 14 U B N1     1 
ATOM 473 C C2     . U B 2 4  ? -3.458  -7.220  0.870   1.00 0.00 ? 14 U B C2     1 
ATOM 474 O O2     . U B 2 4  ? -3.489  -7.221  2.099   1.00 0.00 ? 14 U B O2     1 
ATOM 475 N N3     . U B 2 4  ? -2.286  -6.886  0.203   1.00 0.00 ? 14 U B N3     1 
ATOM 476 C C4     . U B 2 4  ? -2.135  -6.824  -1.172  1.00 0.00 ? 14 U B C4     1 
ATOM 477 O O4     . U B 2 4  ? -1.052  -6.522  -1.660  1.00 0.00 ? 14 U B O4     1 
ATOM 478 C C5     . U B 2 4  ? -3.337  -7.140  -1.920  1.00 0.00 ? 14 U B C5     1 
ATOM 479 C C6     . U B 2 4  ? -4.492  -7.483  -1.294  1.00 0.00 ? 14 U B C6     1 
ATOM 480 H "H5'"  . U B 2 4  ? -8.926  -9.224  -1.608  1.00 0.00 ? 14 U B "H5'"  1 
ATOM 481 H "H5''" . U B 2 4  ? -9.484  -7.545  -1.612  1.00 0.00 ? 14 U B "H5''" 1 
ATOM 482 H "H4'"  . U B 2 4  ? -8.642  -8.334  0.610   1.00 0.00 ? 14 U B "H4'"  1 
ATOM 483 H "H3'"  . U B 2 4  ? -7.183  -6.039  -0.717  1.00 0.00 ? 14 U B "H3'"  1 
ATOM 484 H "H2'"  . U B 2 4  ? -5.946  -5.831  1.343   1.00 0.00 ? 14 U B "H2'"  1 
ATOM 485 H "HO2'" . U B 2 4  ? -7.908  -6.364  2.623   1.00 0.00 ? 14 U B "HO2'" 1 
ATOM 486 H "H1'"  . U B 2 4  ? -5.558  -8.530  1.662   1.00 0.00 ? 14 U B "H1'"  1 
ATOM 487 H H3     . U B 2 4  ? -1.455  -6.703  0.749   1.00 0.00 ? 14 U B H3     1 
ATOM 488 H H5     . U B 2 4  ? -3.298  -7.105  -2.998  1.00 0.00 ? 14 U B H5     1 
ATOM 489 H H6     . U B 2 4  ? -5.359  -7.711  -1.895  1.00 0.00 ? 14 U B H6     1 
ATOM 490 P P      . U B 2 5  ? -8.803  -4.173  0.621   1.00 0.00 ? 15 U B P      1 
ATOM 491 O OP1    . U B 2 5  ? -10.127 -3.753  1.129   1.00 0.00 ? 15 U B OP1    1 
ATOM 492 O OP2    . U B 2 5  ? -8.337  -3.706  -0.702  1.00 0.00 ? 15 U B OP2    1 
ATOM 493 O "O5'"  . U B 2 5  ? -7.687  -3.762  1.711   1.00 0.00 ? 15 U B "O5'"  1 
ATOM 494 C "C5'"  . U B 2 5  ? -7.949  -3.781  3.101   1.00 0.00 ? 15 U B "C5'"  1 
ATOM 495 C "C4'"  . U B 2 5  ? -6.655  -3.579  3.899   1.00 0.00 ? 15 U B "C4'"  1 
ATOM 496 O "O4'"  . U B 2 5  ? -5.630  -4.479  3.490   1.00 0.00 ? 15 U B "O4'"  1 
ATOM 497 C "C3'"  . U B 2 5  ? -6.057  -2.177  3.778   1.00 0.00 ? 15 U B "C3'"  1 
ATOM 498 O "O3'"  . U B 2 5  ? -6.684  -1.225  4.622   1.00 0.00 ? 15 U B "O3'"  1 
ATOM 499 C "C2'"  . U B 2 5  ? -4.624  -2.464  4.219   1.00 0.00 ? 15 U B "C2'"  1 
ATOM 500 O "O2'"  . U B 2 5  ? -4.521  -2.581  5.626   1.00 0.00 ? 15 U B "O2'"  1 
ATOM 501 C "C1'"  . U B 2 5  ? -4.366  -3.836  3.605   1.00 0.00 ? 15 U B "C1'"  1 
ATOM 502 N N1     . U B 2 5  ? -3.631  -3.703  2.314   1.00 0.00 ? 15 U B N1     1 
ATOM 503 C C2     . U B 2 5  ? -2.243  -3.554  2.388   1.00 0.00 ? 15 U B C2     1 
ATOM 504 O O2     . U B 2 5  ? -1.642  -3.520  3.459   1.00 0.00 ? 15 U B O2     1 
ATOM 505 N N3     . U B 2 5  ? -1.553  -3.418  1.192   1.00 0.00 ? 15 U B N3     1 
ATOM 506 C C4     . U B 2 5  ? -2.138  -3.327  -0.062  1.00 0.00 ? 15 U B C4     1 
ATOM 507 O O4     . U B 2 5  ? -1.447  -3.141  -1.058  1.00 0.00 ? 15 U B O4     1 
ATOM 508 C C5     . U B 2 5  ? -3.583  -3.453  -0.056  1.00 0.00 ? 15 U B C5     1 
ATOM 509 C C6     . U B 2 5  ? -4.277  -3.625  1.098   1.00 0.00 ? 15 U B C6     1 
ATOM 510 H "H5'"  . U B 2 5  ? -8.384  -4.741  3.377   1.00 0.00 ? 15 U B "H5'"  1 
ATOM 511 H "H5''" . U B 2 5  ? -8.659  -2.992  3.351   1.00 0.00 ? 15 U B "H5''" 1 
ATOM 512 H "H4'"  . U B 2 5  ? -6.869  -3.759  4.954   1.00 0.00 ? 15 U B "H4'"  1 
ATOM 513 H "H3'"  . U B 2 5  ? -6.075  -1.860  2.733   1.00 0.00 ? 15 U B "H3'"  1 
ATOM 514 H "H2'"  . U B 2 5  ? -3.931  -1.710  3.851   1.00 0.00 ? 15 U B "H2'"  1 
ATOM 515 H "HO2'" . U B 2 5  ? -5.003  -1.839  6.003   1.00 0.00 ? 15 U B "HO2'" 1 
ATOM 516 H "H1'"  . U B 2 5  ? -3.746  -4.406  4.296   1.00 0.00 ? 15 U B "H1'"  1 
ATOM 517 H H3     . U B 2 5  ? -0.547  -3.319  1.239   1.00 0.00 ? 15 U B H3     1 
ATOM 518 H H5     . U B 2 5  ? -4.111  -3.389  -0.995  1.00 0.00 ? 15 U B H5     1 
ATOM 519 H H6     . U B 2 5  ? -5.353  -3.690  1.054   1.00 0.00 ? 15 U B H6     1 
ATOM 520 P P      . A B 2 6  ? -6.497  0.364   4.393   1.00 0.00 ? 16 A B P      1 
ATOM 521 O OP1    . A B 2 6  ? -7.323  1.063   5.400   1.00 0.00 ? 16 A B OP1    1 
ATOM 522 O OP2    . A B 2 6  ? -6.694  0.642   2.955   1.00 0.00 ? 16 A B OP2    1 
ATOM 523 O "O5'"  . A B 2 6  ? -4.942  0.623   4.739   1.00 0.00 ? 16 A B "O5'"  1 
ATOM 524 C "C5'"  . A B 2 6  ? -4.484  0.733   6.074   1.00 0.00 ? 16 A B "C5'"  1 
ATOM 525 C "C4'"  . A B 2 6  ? -2.963  0.914   6.130   1.00 0.00 ? 16 A B "C4'"  1 
ATOM 526 O "O4'"  . A B 2 6  ? -2.250  -0.111  5.443   1.00 0.00 ? 16 A B "O4'"  1 
ATOM 527 C "C3'"  . A B 2 6  ? -2.485  2.245   5.549   1.00 0.00 ? 16 A B "C3'"  1 
ATOM 528 O "O3'"  . A B 2 6  ? -2.715  3.309   6.460   1.00 0.00 ? 16 A B "O3'"  1 
ATOM 529 C "C2'"  . A B 2 6  ? -1.012  1.913   5.303   1.00 0.00 ? 16 A B "C2'"  1 
ATOM 530 O "O2'"  . A B 2 6  ? -0.257  1.946   6.504   1.00 0.00 ? 16 A B "O2'"  1 
ATOM 531 C "C1'"  . A B 2 6  ? -1.092  0.458   4.839   1.00 0.00 ? 16 A B "C1'"  1 
ATOM 532 N N9     . A B 2 6  ? -1.158  0.332   3.361   1.00 0.00 ? 16 A B N9     1 
ATOM 533 C C8     . A B 2 6  ? -2.254  0.125   2.557   1.00 0.00 ? 16 A B C8     1 
ATOM 534 N N7     . A B 2 6  ? -1.968  -0.103  1.305   1.00 0.00 ? 16 A B N7     1 
ATOM 535 C C5     . A B 2 6  ? -0.580  0.013   1.260   1.00 0.00 ? 16 A B C5     1 
ATOM 536 C C6     . A B 2 6  ? 0.381   -0.105  0.227   1.00 0.00 ? 16 A B C6     1 
ATOM 537 N N6     . A B 2 6  ? 0.096   -0.456  -1.026  1.00 0.00 ? 16 A B N6     1 
ATOM 538 N N1     . A B 2 6  ? 1.675   0.130   0.496   1.00 0.00 ? 16 A B N1     1 
ATOM 539 C C2     . A B 2 6  ? 2.016   0.434   1.744   1.00 0.00 ? 16 A B C2     1 
ATOM 540 N N3     . A B 2 6  ? 1.228   0.541   2.817   1.00 0.00 ? 16 A B N3     1 
ATOM 541 C C4     . A B 2 6  ? -0.081  0.322   2.502   1.00 0.00 ? 16 A B C4     1 
ATOM 542 H "H5'"  . A B 2 6  ? -4.754  -0.163  6.630   1.00 0.00 ? 16 A B "H5'"  1 
ATOM 543 H "H5''" . A B 2 6  ? -4.960  1.591   6.550   1.00 0.00 ? 16 A B "H5''" 1 
ATOM 544 H "H4'"  . A B 2 6  ? -2.658  0.886   7.177   1.00 0.00 ? 16 A B "H4'"  1 
ATOM 545 H "H3'"  . A B 2 6  ? -2.981  2.437   4.596   1.00 0.00 ? 16 A B "H3'"  1 
ATOM 546 H "H2'"  . A B 2 6  ? -0.570  2.565   4.548   1.00 0.00 ? 16 A B "H2'"  1 
ATOM 547 H "HO2'" . A B 2 6  ? -0.383  2.811   6.915   1.00 0.00 ? 16 A B "HO2'" 1 
ATOM 548 H "H1'"  . A B 2 6  ? -0.202  -0.069  5.183   1.00 0.00 ? 16 A B "H1'"  1 
ATOM 549 H H8     . A B 2 6  ? -3.268  0.121   2.932   1.00 0.00 ? 16 A B H8     1 
ATOM 550 H H61    . A B 2 6  ? 0.859   -0.536  -1.678  1.00 0.00 ? 16 A B H61    1 
ATOM 551 H H62    . A B 2 6  ? -0.840  -0.752  -1.260  1.00 0.00 ? 16 A B H62    1 
ATOM 552 H H2     . A B 2 6  ? 3.068   0.603   1.902   1.00 0.00 ? 16 A B H2     1 
ATOM 553 P P      . A B 2 7  ? -2.218  4.821   6.181   1.00 0.00 ? 17 A B P      1 
ATOM 554 O OP1    . A B 2 7  ? -3.206  5.759   6.755   1.00 0.00 ? 17 A B OP1    1 
ATOM 555 O OP2    . A B 2 7  ? -1.816  4.934   4.764   1.00 0.00 ? 17 A B OP2    1 
ATOM 556 O "O5'"  . A B 2 7  ? -0.885  4.880   7.082   1.00 0.00 ? 17 A B "O5'"  1 
ATOM 557 C "C5'"  . A B 2 7  ? -0.949  4.790   8.493   1.00 0.00 ? 17 A B "C5'"  1 
ATOM 558 C "C4'"  . A B 2 7  ? 0.450   4.668   9.102   1.00 0.00 ? 17 A B "C4'"  1 
ATOM 559 O "O4'"  . A B 2 7  ? 1.202   3.639   8.470   1.00 0.00 ? 17 A B "O4'"  1 
ATOM 560 C "C3'"  . A B 2 7  ? 1.296   5.940   9.038   1.00 0.00 ? 17 A B "C3'"  1 
ATOM 561 O "O3'"  . A B 2 7  ? 0.914   6.867   10.050  1.00 0.00 ? 17 A B "O3'"  1 
ATOM 562 C "C2'"  . A B 2 7  ? 2.698   5.331   9.156   1.00 0.00 ? 17 A B "C2'"  1 
ATOM 563 O "O2'"  . A B 2 7  ? 3.029   4.954   10.483  1.00 0.00 ? 17 A B "O2'"  1 
ATOM 564 C "C1'"  . A B 2 7  ? 2.546   4.074   8.307   1.00 0.00 ? 17 A B "C1'"  1 
ATOM 565 N N9     . A B 2 7  ? 2.859   4.331   6.876   1.00 0.00 ? 17 A B N9     1 
ATOM 566 C C8     . A B 2 7  ? 2.033   4.276   5.779   1.00 0.00 ? 17 A B C8     1 
ATOM 567 N N7     . A B 2 7  ? 2.644   4.392   4.637   1.00 0.00 ? 17 A B N7     1 
ATOM 568 C C5     . A B 2 7  ? 3.977   4.555   4.994   1.00 0.00 ? 17 A B C5     1 
ATOM 569 C C6     . A B 2 7  ? 5.169   4.709   4.250   1.00 0.00 ? 17 A B C6     1 
ATOM 570 N N6     . A B 2 7  ? 5.206   4.686   2.922   1.00 0.00 ? 17 A B N6     1 
ATOM 571 N N1     . A B 2 7  ? 6.334   4.866   4.901   1.00 0.00 ? 17 A B N1     1 
ATOM 572 C C2     . A B 2 7  ? 6.320   4.864   6.232   1.00 0.00 ? 17 A B C2     1 
ATOM 573 N N3     . A B 2 7  ? 5.281   4.710   7.049   1.00 0.00 ? 17 A B N3     1 
ATOM 574 C C4     . A B 2 7  ? 4.116   4.555   6.359   1.00 0.00 ? 17 A B C4     1 
ATOM 575 H "H5'"  . A B 2 7  ? -1.522  3.904   8.768   1.00 0.00 ? 17 A B "H5'"  1 
ATOM 576 H "H5''" . A B 2 7  ? -1.449  5.671   8.897   1.00 0.00 ? 17 A B "H5''" 1 
ATOM 577 H "H4'"  . A B 2 7  ? 0.341   4.404   10.155  1.00 0.00 ? 17 A B "H4'"  1 
ATOM 578 H "H3'"  . A B 2 7  ? 1.194   6.401   8.054   1.00 0.00 ? 17 A B "H3'"  1 
ATOM 579 H "H2'"  . A B 2 7  ? 3.461   5.998   8.752   1.00 0.00 ? 17 A B "H2'"  1 
ATOM 580 H "HO2'" . A B 2 7  ? 2.978   5.756   11.036  1.00 0.00 ? 17 A B "HO2'" 1 
ATOM 581 H "H1'"  . A B 2 7  ? 3.230   3.311   8.673   1.00 0.00 ? 17 A B "H1'"  1 
ATOM 582 H H8     . A B 2 7  ? 0.970   4.119   5.836   1.00 0.00 ? 17 A B H8     1 
ATOM 583 H H61    . A B 2 7  ? 6.102   4.685   2.456   1.00 0.00 ? 17 A B H61    1 
ATOM 584 H H62    . A B 2 7  ? 4.342   4.535   2.411   1.00 0.00 ? 17 A B H62    1 
ATOM 585 H H2     . A B 2 7  ? 7.279   4.991   6.712   1.00 0.00 ? 17 A B H2     1 
ATOM 586 P P      . U B 2 8  ? 1.902   8.001   10.648  1.00 0.00 ? 18 U B P      1 
ATOM 587 O OP1    . U B 2 8  ? 2.730   7.346   11.686  1.00 0.00 ? 18 U B OP1    1 
ATOM 588 O OP2    . U B 2 8  ? 1.097   9.194   10.989  1.00 0.00 ? 18 U B OP2    1 
ATOM 589 O "O5'"  . U B 2 8  ? 2.873   8.363   9.416   1.00 0.00 ? 18 U B "O5'"  1 
ATOM 590 C "C5'"  . U B 2 8  ? 2.458   9.180   8.345   1.00 0.00 ? 18 U B "C5'"  1 
ATOM 591 C "C4'"  . U B 2 8  ? 3.416   8.944   7.175   1.00 0.00 ? 18 U B "C4'"  1 
ATOM 592 O "O4'"  . U B 2 8  ? 3.169   7.699   6.531   1.00 0.00 ? 18 U B "O4'"  1 
ATOM 593 C "C3'"  . U B 2 8  ? 3.259   10.019  6.104   1.00 0.00 ? 18 U B "C3'"  1 
ATOM 594 O "O3'"  . U B 2 8  ? 4.005   11.184  6.417   1.00 0.00 ? 18 U B "O3'"  1 
ATOM 595 C "C2'"  . U B 2 8  ? 3.784   9.279   4.879   1.00 0.00 ? 18 U B "C2'"  1 
ATOM 596 O "O2'"  . U B 2 8  ? 5.199   9.243   4.856   1.00 0.00 ? 18 U B "O2'"  1 
ATOM 597 C "C1'"  . U B 2 8  ? 3.259   7.863   5.117   1.00 0.00 ? 18 U B "C1'"  1 
ATOM 598 N N1     . U B 2 8  ? 1.946   7.657   4.434   1.00 0.00 ? 18 U B N1     1 
ATOM 599 C C2     . U B 2 8  ? 1.959   7.459   3.047   1.00 0.00 ? 18 U B C2     1 
ATOM 600 O O2     . U B 2 8  ? 2.996   7.362   2.390   1.00 0.00 ? 18 U B O2     1 
ATOM 601 N N3     . U B 2 8  ? 0.724   7.410   2.412   1.00 0.00 ? 18 U B N3     1 
ATOM 602 C C4     . U B 2 8  ? -0.503  7.610   3.020   1.00 0.00 ? 18 U B C4     1 
ATOM 603 O O4     . U B 2 8  ? -1.520  7.699   2.339   1.00 0.00 ? 18 U B O4     1 
ATOM 604 C C5     . U B 2 8  ? -0.436  7.732   4.462   1.00 0.00 ? 18 U B C5     1 
ATOM 605 C C6     . U B 2 8  ? 0.751   7.737   5.119   1.00 0.00 ? 18 U B C6     1 
ATOM 606 H "H5'"  . U B 2 8  ? 2.496   10.224  8.657   1.00 0.00 ? 18 U B "H5'"  1 
ATOM 607 H "H5''" . U B 2 8  ? 1.440   8.930   8.043   1.00 0.00 ? 18 U B "H5''" 1 
ATOM 608 H "H4'"  . U B 2 8  ? 4.445   8.960   7.536   1.00 0.00 ? 18 U B "H4'"  1 
ATOM 609 H "H3'"  . U B 2 8  ? 2.199   10.245  5.974   1.00 0.00 ? 18 U B "H3'"  1 
ATOM 610 H "H2'"  . U B 2 8  ? 3.404   9.713   3.956   1.00 0.00 ? 18 U B "H2'"  1 
ATOM 611 H "HO2'" . U B 2 8  ? 5.508   10.132  5.055   1.00 0.00 ? 18 U B "HO2'" 1 
ATOM 612 H "H1'"  . U B 2 8  ? 3.979   7.154   4.711   1.00 0.00 ? 18 U B "H1'"  1 
ATOM 613 H H3     . U B 2 8  ? 0.696   7.242   1.414   1.00 0.00 ? 18 U B H3     1 
ATOM 614 H H5     . U B 2 8  ? -1.361  7.808   5.015   1.00 0.00 ? 18 U B H5     1 
ATOM 615 H H6     . U B 2 8  ? 0.749   7.810   6.197   1.00 0.00 ? 18 U B H6     1 
ATOM 616 P P      . C B 2 9  ? 3.659   12.617  5.765   1.00 0.00 ? 19 C B P      1 
ATOM 617 O OP1    . C B 2 9  ? 4.479   13.640  6.449   1.00 0.00 ? 19 C B OP1    1 
ATOM 618 O OP2    . C B 2 9  ? 2.188   12.759  5.716   1.00 0.00 ? 19 C B OP2    1 
ATOM 619 O "O5'"  . C B 2 9  ? 4.193   12.462  4.255   1.00 0.00 ? 19 C B "O5'"  1 
ATOM 620 C "C5'"  . C B 2 9  ? 5.570   12.523  3.937   1.00 0.00 ? 19 C B "C5'"  1 
ATOM 621 C "C4'"  . C B 2 9  ? 5.778   12.307  2.435   1.00 0.00 ? 19 C B "C4'"  1 
ATOM 622 O "O4'"  . C B 2 9  ? 5.191   11.091  1.983   1.00 0.00 ? 19 C B "O4'"  1 
ATOM 623 C "C3'"  . C B 2 9  ? 5.174   13.428  1.591   1.00 0.00 ? 19 C B "C3'"  1 
ATOM 624 O "O3'"  . C B 2 9  ? 6.029   14.561  1.529   1.00 0.00 ? 19 C B "O3'"  1 
ATOM 625 C "C2'"  . C B 2 9  ? 5.023   12.711  0.252   1.00 0.00 ? 19 C B "C2'"  1 
ATOM 626 O "O2'"  . C B 2 9  ? 6.238   12.682  -0.473  1.00 0.00 ? 19 C B "O2'"  1 
ATOM 627 C "C1'"  . C B 2 9  ? 4.686   11.280  0.666   1.00 0.00 ? 19 C B "C1'"  1 
ATOM 628 N N1     . C B 2 9  ? 3.223   11.001  0.556   1.00 0.00 ? 19 C B N1     1 
ATOM 629 C C2     . C B 2 9  ? 2.711   10.684  -0.709  1.00 0.00 ? 19 C B C2     1 
ATOM 630 O O2     . C B 2 9  ? 3.404   10.774  -1.719  1.00 0.00 ? 19 C B O2     1 
ATOM 631 N N3     . C B 2 9  ? 1.424   10.261  -0.822  1.00 0.00 ? 19 C B N3     1 
ATOM 632 C C4     . C B 2 9  ? 0.639   10.186  0.254   1.00 0.00 ? 19 C B C4     1 
ATOM 633 N N4     . C B 2 9  ? -0.583  9.696   0.090   1.00 0.00 ? 19 C B N4     1 
ATOM 634 C C5     . C B 2 9  ? 1.100   10.590  1.550   1.00 0.00 ? 19 C B C5     1 
ATOM 635 C C6     . C B 2 9  ? 2.390   11.000  1.652   1.00 0.00 ? 19 C B C6     1 
ATOM 636 H "H5'"  . C B 2 9  ? 6.112   11.754  4.487   1.00 0.00 ? 19 C B "H5'"  1 
ATOM 637 H "H5''" . C B 2 9  ? 5.967   13.500  4.216   1.00 0.00 ? 19 C B "H5''" 1 
ATOM 638 H "H4'"  . C B 2 9  ? 6.848   12.269  2.228   1.00 0.00 ? 19 C B "H4'"  1 
ATOM 639 H "H3'"  . C B 2 9  ? 4.188   13.691  1.979   1.00 0.00 ? 19 C B "H3'"  1 
ATOM 640 H "H2'"  . C B 2 9  ? 4.235   13.157  -0.351  1.00 0.00 ? 19 C B "H2'"  1 
ATOM 641 H "HO2'" . C B 2 9  ? 6.482   13.594  -0.650  1.00 0.00 ? 19 C B "HO2'" 1 
ATOM 642 H "H1'"  . C B 2 9  ? 5.211   10.602  -0.009  1.00 0.00 ? 19 C B "H1'"  1 
ATOM 643 H H41    . C B 2 9  ? -0.865  9.420   -0.845  1.00 0.00 ? 19 C B H41    1 
ATOM 644 H H42    . C B 2 9  ? -1.178  9.511   0.884   1.00 0.00 ? 19 C B H42    1 
ATOM 645 H H5     . C B 2 9  ? 0.471   10.574  2.428   1.00 0.00 ? 19 C B H5     1 
ATOM 646 H H6     . C B 2 9  ? 2.767   11.312  2.613   1.00 0.00 ? 19 C B H6     1 
ATOM 647 P P      . U B 2 10 ? 5.504   16.006  1.040   1.00 0.00 ? 20 U B P      1 
ATOM 648 O OP1    . U B 2 10 ? 6.592   16.985  1.254   1.00 0.00 ? 20 U B OP1    1 
ATOM 649 O OP2    . U B 2 10 ? 4.170   16.241  1.631   1.00 0.00 ? 20 U B OP2    1 
ATOM 650 O "O5'"  . U B 2 10 ? 5.306   15.807  -0.545  1.00 0.00 ? 20 U B "O5'"  1 
ATOM 651 C "C5'"  . U B 2 10 ? 6.381   15.866  -1.461  1.00 0.00 ? 20 U B "C5'"  1 
ATOM 652 C "C4'"  . U B 2 10 ? 5.874   15.543  -2.872  1.00 0.00 ? 20 U B "C4'"  1 
ATOM 653 O "O4'"  . U B 2 10 ? 5.170   14.306  -2.912  1.00 0.00 ? 20 U B "O4'"  1 
ATOM 654 C "C3'"  . U B 2 10 ? 4.919   16.606  -3.416  1.00 0.00 ? 20 U B "C3'"  1 
ATOM 655 O "O3'"  . U B 2 10 ? 5.617   17.710  -3.976  1.00 0.00 ? 20 U B "O3'"  1 
ATOM 656 C "C2'"  . U B 2 10 ? 4.172   15.792  -4.469  1.00 0.00 ? 20 U B "C2'"  1 
ATOM 657 O "O2'"  . U B 2 10 ? 4.910   15.709  -5.674  1.00 0.00 ? 20 U B "O2'"  1 
ATOM 658 C "C1'"  . U B 2 10 ? 4.099   14.400  -3.846  1.00 0.00 ? 20 U B "C1'"  1 
ATOM 659 N N1     . U B 2 10 ? 2.769   14.107  -3.234  1.00 0.00 ? 20 U B N1     1 
ATOM 660 C C2     . U B 2 10 ? 1.798   13.515  -4.050  1.00 0.00 ? 20 U B C2     1 
ATOM 661 O O2     . U B 2 10 ? 1.926   13.379  -5.266  1.00 0.00 ? 20 U B O2     1 
ATOM 662 N N3     . U B 2 10 ? 0.641   13.077  -3.423  1.00 0.00 ? 20 U B N3     1 
ATOM 663 C C4     . U B 2 10 ? 0.336   13.230  -2.083  1.00 0.00 ? 20 U B C4     1 
ATOM 664 O O4     . U B 2 10 ? -0.723  12.795  -1.640  1.00 0.00 ? 20 U B O4     1 
ATOM 665 C C5     . U B 2 10 ? 1.343   13.950  -1.328  1.00 0.00 ? 20 U B C5     1 
ATOM 666 C C6     . U B 2 10 ? 2.497   14.368  -1.908  1.00 0.00 ? 20 U B C6     1 
ATOM 667 H "H5'"  . U B 2 10 ? 7.150   15.147  -1.179  1.00 0.00 ? 20 U B "H5'"  1 
ATOM 668 H "H5''" . U B 2 10 ? 6.816   16.867  -1.453  1.00 0.00 ? 20 U B "H5''" 1 
ATOM 669 H "H4'"  . U B 2 10 ? 6.728   15.476  -3.548  1.00 0.00 ? 20 U B "H4'"  1 
ATOM 670 H "H3'"  . U B 2 10 ? 4.231   16.920  -2.631  1.00 0.00 ? 20 U B "H3'"  1 
ATOM 671 H "H2'"  . U B 2 10 ? 3.185   16.199  -4.662  1.00 0.00 ? 20 U B "H2'"  1 
ATOM 672 H "HO2'" . U B 2 10 ? 5.201   16.601  -5.886  1.00 0.00 ? 20 U B "HO2'" 1 
ATOM 673 H "H1'"  . U B 2 10 ? 4.265   13.673  -4.638  1.00 0.00 ? 20 U B "H1'"  1 
ATOM 674 H H3     . U B 2 10 ? -0.068  12.651  -4.004  1.00 0.00 ? 20 U B H3     1 
ATOM 675 H H5     . U B 2 10 ? 1.164   14.145  -0.280  1.00 0.00 ? 20 U B H5     1 
ATOM 676 H H6     . U B 2 10 ? 3.222   14.895  -1.306  1.00 0.00 ? 20 U B H6     1 
ATOM 677 P P      . C B 2 11 ? 4.904   19.138  -4.217  1.00 0.00 ? 21 C B P      1 
ATOM 678 O OP1    . C B 2 11 ? 5.925   20.081  -4.718  1.00 0.00 ? 21 C B OP1    1 
ATOM 679 O OP2    . C B 2 11 ? 4.117   19.472  -3.011  1.00 0.00 ? 21 C B OP2    1 
ATOM 680 O "O5'"  . C B 2 11 ? 3.861   18.838  -5.408  1.00 0.00 ? 21 C B "O5'"  1 
ATOM 681 C "C5'"  . C B 2 11 ? 4.230   18.872  -6.774  1.00 0.00 ? 21 C B "C5'"  1 
ATOM 682 C "C4'"  . C B 2 11 ? 3.017   18.544  -7.654  1.00 0.00 ? 21 C B "C4'"  1 
ATOM 683 O "O4'"  . C B 2 11 ? 2.503   17.245  -7.386  1.00 0.00 ? 21 C B "O4'"  1 
ATOM 684 C "C3'"  . C B 2 11 ? 1.854   19.520  -7.465  1.00 0.00 ? 21 C B "C3'"  1 
ATOM 685 O "O3'"  . C B 2 11 ? 1.987   20.694  -8.245  1.00 0.00 ? 21 C B "O3'"  1 
ATOM 686 C "C2'"  . C B 2 11 ? 0.670   18.673  -7.925  1.00 0.00 ? 21 C B "C2'"  1 
ATOM 687 O "O2'"  . C B 2 11 ? 0.529   18.745  -9.332  1.00 0.00 ? 21 C B "O2'"  1 
ATOM 688 C "C1'"  . C B 2 11 ? 1.086   17.255  -7.529  1.00 0.00 ? 21 C B "C1'"  1 
ATOM 689 N N1     . C B 2 11 ? 0.406   16.814  -6.275  1.00 0.00 ? 21 C B N1     1 
ATOM 690 C C2     . C B 2 11 ? -0.763  16.049  -6.377  1.00 0.00 ? 21 C B C2     1 
ATOM 691 O O2     . C B 2 11 ? -1.235  15.736  -7.469  1.00 0.00 ? 21 C B O2     1 
ATOM 692 N N3     . C B 2 11 ? -1.409  15.667  -5.241  1.00 0.00 ? 21 C B N3     1 
ATOM 693 C C4     . C B 2 11 ? -0.929  15.999  -4.041  1.00 0.00 ? 21 C B C4     1 
ATOM 694 N N4     . C B 2 11 ? -1.617  15.622  -2.973  1.00 0.00 ? 21 C B N4     1 
ATOM 695 C C5     . C B 2 11 ? 0.265   16.775  -3.898  1.00 0.00 ? 21 C B C5     1 
ATOM 696 C C6     . C B 2 11 ? 0.876   17.184  -5.035  1.00 0.00 ? 21 C B C6     1 
ATOM 697 H "H5'"  . C B 2 11 ? 5.022   18.148  -6.964  1.00 0.00 ? 21 C B "H5'"  1 
ATOM 698 H "H5''" . C B 2 11 ? 4.594   19.869  -7.027  1.00 0.00 ? 21 C B "H5''" 1 
ATOM 699 H "H4'"  . C B 2 11 ? 3.321   18.578  -8.701  1.00 0.00 ? 21 C B "H4'"  1 
ATOM 700 H "H3'"  . C B 2 11 ? 1.732   19.771  -6.411  1.00 0.00 ? 21 C B "H3'"  1 
ATOM 701 H "H2'"  . C B 2 11 ? -0.254  18.988  -7.436  1.00 0.00 ? 21 C B "H2'"  1 
ATOM 702 H "HO2'" . C B 2 11 ? 0.804   19.633  -9.586  1.00 0.00 ? 21 C B "HO2'" 1 
ATOM 703 H "H1'"  . C B 2 11 ? 0.815   16.575  -8.339  1.00 0.00 ? 21 C B "H1'"  1 
ATOM 704 H H41    . C B 2 11 ? -2.486  15.115  -3.118  1.00 0.00 ? 21 C B H41    1 
ATOM 705 H H42    . C B 2 11 ? -1.287  15.835  -2.048  1.00 0.00 ? 21 C B H42    1 
ATOM 706 H H5     . C B 2 11 ? 0.685   17.052  -2.942  1.00 0.00 ? 21 C B H5     1 
ATOM 707 H H6     . C B 2 11 ? 1.759   17.798  -4.959  1.00 0.00 ? 21 C B H6     1 
# 
